data_8KH5
#
_entry.id   8KH5
#
_cell.length_a   1.00
_cell.length_b   1.00
_cell.length_c   1.00
_cell.angle_alpha   90.00
_cell.angle_beta   90.00
_cell.angle_gamma   90.00
#
_symmetry.space_group_name_H-M   'P 1'
#
loop_
_entity.id
_entity.type
_entity.pdbx_description
1 polymer 'Probable G-protein coupled receptor 174'
2 polymer 'Guanine nucleotide-binding protein G(s) subunit alpha isoforms short'
3 polymer 'Guanine nucleotide-binding protein G(I)/G(S)/G(T) subunit beta-1'
4 polymer 'Nanobody 35'
5 polymer 'Guanine nucleotide-binding protein G(I)/G(S)/G(O) subunit gamma-2'
6 non-polymer CHOLESTEROL
7 non-polymer O-{HYDROXY[((2R)-2-HYDROXY-3-{[(1S)-1-HYDROXYPENTADECYL]OXY}PROPYL)OXY]PHOSPHORYL}-L-SERINE
#
loop_
_entity_poly.entity_id
_entity_poly.type
_entity_poly.pdbx_seq_one_letter_code
_entity_poly.pdbx_strand_id
1 'polypeptide(L)'
;DYKDDDDKAPANYTCTRPDGDNTDFRYFIYAVTYTVILVPGLIGNILALWVFYGYMKETKRAVIFMINLAIADLLQVLSL
PLRIFYYLNHDWPFGPGLCMFCFYLKYVNMYASIYFLVCISVRRFWFLMYPFRFHDCKQKYDLYISIAGWLIICLACVLF
PLLRTSDDTSGNRTKCFVDLPTRNVNLAQSVVMMTIGELIGFVTPLLIVLYCTWKTVLSLQDKYPMAQDLGEKQKALKMI
LTCAGVFLICFAPYHFSFPLDFLVKSNEIKSCLARRVILIFHSVALCLASLNSCLDPVIYYFSTNEFRRRLSRQDLHDSI
QLHAKSFVSNHELEVLFQGP
;
A
2 'polypeptide(L)'
;NSKTEDQRNEEKAQREANKKIEKQLQKDKQVYRATHRLLLLGADNSGKSTIVKQMRILHGGSGGSGGTSGIFETKFQVDK
VNFHMFDVGGQRDERRKWIQCFNDVTAIIFVVDSSDYNRLQEALNLFKSIWNNRWLRTISVILFLNKQDLLAEKVLAGKS
KIEDYFPEFARYTTPEDATPEPGEDPRVTRAKYFIRDEFLRISTASGDGRHYCYPHFTCAVDTENARRIFNDCRDIIQRM
HLRQYELL
;
B
3 'polypeptide(L)'
;HHHHHHLEVLFQGPGSSGSELDQLRQEAEQLKNQIRDARKACADATLSQITNNIDPVGRIQMRTRRTLRGHLAKIYAMHW
GTDSRLLVSASQDGKLIIWDSYTTNKVHAIPLRSSWVMTCAYAPSGNYVACGGLDNICSIYNLKTREGNVRVSRELAGHT
GRLSCCRFLDDNQIVTSSGDTTCALWDIETGQQTTTFTGHTGDVMSLSLAPDTRLFVSGACDASAKLWDVREGMCRQTFT
GHESDINAICFFPNGNAFATGSDDATCRLFDLRADQELMTYSHDNIICGITSVSFSKSGRLLLAGYDDFNCNVWDALKAD
RAGVLAGHDNRVSCLGVTDDGMAVATGSWDSFLKIWN
;
C
4 'polypeptide(L)'
;MKYLLPTAAAGLLLLAAQPAMAQVQLQESGGGLVQPGGSLRLSCAASGFTFSNYKMNWVRQAPGKGLEWVSDISQSGASI
SYTGSVKGRFTISRDNAKNTLYLQMNSLKPEDTAVYYCARCPAPFTRDCFDVTSTTYAYRGQGTQVTVSSHHHHHHEPEA
;
E
5 'polypeptide(L)' MASNNTASIAQARKLVEQLKMEANIDRIKVSKAAADLMAYCEAHAKEDPLLTPVPASENPFREKKFFSAIL D
#
loop_
_chem_comp.id
_chem_comp.type
_chem_comp.name
_chem_comp.formula
CLR non-polymer CHOLESTEROL 'C27 H46 O'
#
# COMPACT_ATOMS: atom_id res chain seq x y z
N THR A 23 -36.54 25.22 -44.73
CA THR A 23 -35.54 24.17 -44.75
C THR A 23 -34.29 24.51 -45.51
N ASP A 24 -34.32 25.50 -46.39
CA ASP A 24 -33.12 25.89 -47.08
C ASP A 24 -31.92 26.16 -46.19
N PHE A 25 -32.09 27.22 -45.44
CA PHE A 25 -31.02 27.60 -44.58
C PHE A 25 -30.75 26.47 -43.60
N ARG A 26 -31.79 25.77 -43.20
CA ARG A 26 -31.58 24.81 -42.19
C ARG A 26 -30.71 23.73 -42.68
N TYR A 27 -30.90 23.28 -43.90
CA TYR A 27 -30.06 22.24 -44.49
C TYR A 27 -28.66 22.72 -44.53
N PHE A 28 -28.48 23.88 -45.11
CA PHE A 28 -27.09 24.26 -45.14
C PHE A 28 -26.48 24.17 -43.76
N ILE A 29 -27.16 24.67 -42.76
CA ILE A 29 -26.71 24.81 -41.38
C ILE A 29 -26.53 23.43 -40.74
N TYR A 30 -27.56 22.59 -40.81
CA TYR A 30 -27.45 21.25 -40.24
C TYR A 30 -26.38 20.44 -40.94
N ALA A 31 -26.28 20.54 -42.27
CA ALA A 31 -25.29 19.76 -42.99
C ALA A 31 -23.87 20.10 -42.54
N VAL A 32 -23.53 21.39 -42.52
CA VAL A 32 -22.18 21.77 -42.16
C VAL A 32 -21.89 21.45 -40.70
N THR A 33 -22.85 21.69 -39.80
CA THR A 33 -22.58 21.42 -38.39
C THR A 33 -22.42 19.93 -38.14
N TYR A 34 -23.28 19.09 -38.73
CA TYR A 34 -23.17 17.66 -38.53
C TYR A 34 -21.91 17.10 -39.17
N THR A 35 -21.49 17.63 -40.32
CA THR A 35 -20.23 17.22 -40.91
C THR A 35 -19.05 17.58 -40.01
N VAL A 36 -19.10 18.78 -39.40
CA VAL A 36 -18.05 19.20 -38.49
C VAL A 36 -18.02 18.31 -37.25
N ILE A 37 -19.19 17.86 -36.79
CA ILE A 37 -19.26 17.14 -35.53
C ILE A 37 -19.03 15.64 -35.67
N LEU A 38 -19.32 15.06 -36.84
CA LEU A 38 -19.32 13.60 -36.98
C LEU A 38 -17.96 13.00 -36.67
N VAL A 39 -16.90 13.50 -37.32
CA VAL A 39 -15.57 12.92 -37.13
C VAL A 39 -15.08 13.05 -35.69
N PRO A 40 -15.07 14.24 -35.06
CA PRO A 40 -14.61 14.32 -33.67
C PRO A 40 -15.41 13.43 -32.74
N GLY A 41 -16.72 13.36 -32.91
CA GLY A 41 -17.52 12.51 -32.03
C GLY A 41 -17.13 11.06 -32.14
N LEU A 42 -17.03 10.55 -33.38
CA LEU A 42 -16.61 9.17 -33.58
C LEU A 42 -15.25 8.91 -32.94
N ILE A 43 -14.26 9.73 -33.29
CA ILE A 43 -12.90 9.46 -32.83
C ILE A 43 -12.82 9.51 -31.32
N GLY A 44 -13.32 10.60 -30.72
CA GLY A 44 -13.22 10.76 -29.29
C GLY A 44 -13.98 9.69 -28.53
N ASN A 45 -15.20 9.35 -28.97
CA ASN A 45 -16.00 8.42 -28.21
C ASN A 45 -15.47 6.99 -28.32
N ILE A 46 -15.01 6.58 -29.51
CA ILE A 46 -14.45 5.24 -29.62
C ILE A 46 -13.14 5.14 -28.85
N LEU A 47 -12.32 6.20 -28.87
CA LEU A 47 -11.09 6.18 -28.09
C LEU A 47 -11.39 6.13 -26.60
N ALA A 48 -12.42 6.86 -26.16
CA ALA A 48 -12.82 6.82 -24.75
C ALA A 48 -13.30 5.43 -24.36
N LEU A 49 -14.05 4.76 -25.24
CA LEU A 49 -14.51 3.41 -24.93
C LEU A 49 -13.35 2.44 -24.87
N TRP A 50 -12.36 2.58 -25.76
CA TRP A 50 -11.17 1.73 -25.69
C TRP A 50 -10.42 1.95 -24.38
N VAL A 51 -10.26 3.21 -23.97
CA VAL A 51 -9.62 3.48 -22.70
C VAL A 51 -10.46 2.97 -21.53
N PHE A 52 -11.79 2.92 -21.68
CA PHE A 52 -12.63 2.30 -20.66
C PHE A 52 -12.34 0.81 -20.53
N TYR A 53 -12.22 0.12 -21.66
CA TYR A 53 -11.88 -1.30 -21.60
C TYR A 53 -10.51 -1.51 -20.97
N GLY A 54 -9.55 -0.65 -21.32
CA GLY A 54 -8.25 -0.71 -20.65
C GLY A 54 -8.33 -0.45 -19.17
N TYR A 55 -9.18 0.51 -18.75
CA TYR A 55 -9.34 0.82 -17.35
C TYR A 55 -9.97 -0.35 -16.60
N MET A 56 -10.90 -1.05 -17.24
CA MET A 56 -11.46 -2.28 -16.67
C MET A 56 -10.38 -3.35 -16.49
N LYS A 57 -9.56 -3.57 -17.53
CA LYS A 57 -8.58 -4.65 -17.42
C LYS A 57 -7.48 -4.31 -16.42
N GLU A 58 -7.18 -3.01 -16.24
CA GLU A 58 -6.11 -2.60 -15.34
C GLU A 58 -6.60 -2.31 -13.93
N THR A 59 -7.82 -1.76 -13.80
CA THR A 59 -8.34 -1.35 -12.50
C THR A 59 -9.70 -2.00 -12.27
N LYS A 60 -9.97 -2.36 -11.01
CA LYS A 60 -11.23 -3.00 -10.64
C LYS A 60 -12.38 -2.02 -10.47
N ARG A 61 -12.12 -0.71 -10.53
CA ARG A 61 -13.16 0.28 -10.32
C ARG A 61 -14.16 0.28 -11.49
N ALA A 62 -15.35 0.81 -11.22
CA ALA A 62 -16.43 0.85 -12.19
C ALA A 62 -16.63 2.28 -12.69
N VAL A 63 -16.80 2.40 -14.01
CA VAL A 63 -16.95 3.70 -14.66
C VAL A 63 -18.28 3.72 -15.41
N ILE A 64 -19.30 3.07 -14.82
CA ILE A 64 -20.56 2.81 -15.52
C ILE A 64 -21.16 4.09 -16.08
N PHE A 65 -21.18 5.16 -15.29
CA PHE A 65 -21.84 6.38 -15.72
C PHE A 65 -21.15 6.98 -16.96
N MET A 66 -19.83 7.05 -16.95
CA MET A 66 -19.14 7.58 -18.11
C MET A 66 -19.19 6.64 -19.30
N ILE A 67 -19.26 5.32 -19.05
CA ILE A 67 -19.49 4.38 -20.14
C ILE A 67 -20.81 4.65 -20.82
N ASN A 68 -21.87 4.85 -20.02
CA ASN A 68 -23.18 5.15 -20.59
C ASN A 68 -23.17 6.48 -21.32
N LEU A 69 -22.48 7.48 -20.78
CA LEU A 69 -22.39 8.78 -21.44
C LEU A 69 -21.69 8.67 -22.79
N ALA A 70 -20.57 7.93 -22.84
CA ALA A 70 -19.86 7.75 -24.10
C ALA A 70 -20.71 6.98 -25.10
N ILE A 71 -21.44 5.96 -24.63
CA ILE A 71 -22.30 5.19 -25.52
C ILE A 71 -23.39 6.08 -26.10
N ALA A 72 -24.02 6.91 -25.26
CA ALA A 72 -25.07 7.79 -25.74
C ALA A 72 -24.54 8.80 -26.75
N ASP A 73 -23.38 9.39 -26.46
CA ASP A 73 -22.81 10.36 -27.39
C ASP A 73 -22.44 9.69 -28.71
N LEU A 74 -21.88 8.49 -28.65
CA LEU A 74 -21.55 7.77 -29.87
C LEU A 74 -22.80 7.40 -30.66
N LEU A 75 -23.89 7.03 -29.98
CA LEU A 75 -25.13 6.75 -30.68
C LEU A 75 -25.67 7.99 -31.38
N GLN A 76 -25.59 9.15 -30.72
CA GLN A 76 -25.97 10.39 -31.38
C GLN A 76 -25.11 10.63 -32.62
N VAL A 77 -23.79 10.45 -32.49
CA VAL A 77 -22.89 10.71 -33.60
C VAL A 77 -23.19 9.78 -34.76
N LEU A 78 -23.47 8.51 -34.48
CA LEU A 78 -23.91 7.59 -35.52
C LEU A 78 -25.29 7.93 -36.06
N SER A 79 -26.09 8.70 -35.33
CA SER A 79 -27.35 9.17 -35.89
C SER A 79 -27.13 10.29 -36.90
N LEU A 80 -26.10 11.11 -36.70
CA LEU A 80 -25.85 12.22 -37.64
C LEU A 80 -25.69 11.83 -39.11
N PRO A 81 -24.89 10.83 -39.50
CA PRO A 81 -24.52 10.70 -40.93
C PRO A 81 -25.69 10.54 -41.88
N LEU A 82 -26.76 9.84 -41.50
CA LEU A 82 -27.91 9.75 -42.39
C LEU A 82 -28.61 11.09 -42.54
N ARG A 83 -28.64 11.89 -41.48
CA ARG A 83 -29.11 13.27 -41.60
C ARG A 83 -28.24 14.06 -42.56
N ILE A 84 -26.92 13.86 -42.49
CA ILE A 84 -26.02 14.53 -43.43
C ILE A 84 -26.38 14.14 -44.86
N PHE A 85 -26.60 12.85 -45.10
CA PHE A 85 -26.94 12.37 -46.43
C PHE A 85 -28.24 13.00 -46.92
N TYR A 86 -29.26 13.01 -46.05
CA TYR A 86 -30.55 13.57 -46.44
C TYR A 86 -30.44 15.05 -46.76
N TYR A 87 -29.75 15.81 -45.90
CA TYR A 87 -29.66 17.25 -46.12
C TYR A 87 -28.82 17.58 -47.35
N LEU A 88 -27.84 16.73 -47.69
CA LEU A 88 -27.07 16.98 -48.89
C LEU A 88 -27.85 16.63 -50.15
N ASN A 89 -28.60 15.52 -50.12
CA ASN A 89 -29.27 15.03 -51.31
C ASN A 89 -30.75 15.41 -51.40
N HIS A 90 -31.32 15.97 -50.33
CA HIS A 90 -32.70 16.46 -50.33
C HIS A 90 -33.72 15.36 -50.55
N ASP A 91 -33.29 14.10 -50.57
CA ASP A 91 -34.18 12.98 -50.84
C ASP A 91 -33.83 11.81 -49.93
N TRP A 92 -34.83 11.02 -49.61
CA TRP A 92 -34.65 9.84 -48.75
C TRP A 92 -35.02 8.57 -49.49
N PRO A 93 -34.05 7.78 -49.97
CA PRO A 93 -34.36 6.52 -50.64
C PRO A 93 -34.26 5.28 -49.75
N PHE A 94 -34.03 5.44 -48.44
CA PHE A 94 -33.79 4.31 -47.55
C PHE A 94 -35.07 3.79 -46.88
N GLY A 95 -36.20 4.44 -47.09
CA GLY A 95 -37.45 3.99 -46.51
C GLY A 95 -37.85 4.77 -45.28
N PRO A 96 -39.15 4.76 -44.96
CA PRO A 96 -39.65 5.57 -43.84
C PRO A 96 -39.26 5.03 -42.47
N GLY A 97 -39.19 3.71 -42.30
CA GLY A 97 -38.91 3.16 -40.98
C GLY A 97 -37.52 3.52 -40.48
N LEU A 98 -36.51 3.36 -41.34
CA LEU A 98 -35.15 3.72 -40.96
C LEU A 98 -35.05 5.22 -40.68
N CYS A 99 -35.72 6.03 -41.49
CA CYS A 99 -35.69 7.47 -41.29
C CYS A 99 -36.31 7.87 -39.95
N MET A 100 -37.45 7.27 -39.61
CA MET A 100 -38.08 7.59 -38.34
C MET A 100 -37.24 7.11 -37.16
N PHE A 101 -36.63 5.94 -37.29
CA PHE A 101 -35.73 5.46 -36.24
C PHE A 101 -34.54 6.40 -36.06
N CYS A 102 -34.00 6.91 -37.17
CA CYS A 102 -32.87 7.84 -37.07
C CYS A 102 -33.30 9.16 -36.44
N PHE A 103 -34.52 9.61 -36.74
CA PHE A 103 -35.04 10.80 -36.07
C PHE A 103 -35.16 10.55 -34.57
N TYR A 104 -35.60 9.35 -34.17
CA TYR A 104 -35.75 9.04 -32.75
C TYR A 104 -34.39 8.92 -32.06
N LEU A 105 -33.37 8.42 -32.79
CA LEU A 105 -32.08 8.12 -32.18
C LEU A 105 -31.45 9.36 -31.56
N LYS A 106 -31.36 10.45 -32.33
CA LYS A 106 -30.62 11.61 -31.86
C LYS A 106 -31.22 12.15 -30.57
N TYR A 107 -32.54 12.27 -30.50
CA TYR A 107 -33.17 12.80 -29.30
C TYR A 107 -33.07 11.82 -28.14
N VAL A 108 -33.24 10.53 -28.39
CA VAL A 108 -33.20 9.58 -27.28
C VAL A 108 -31.81 9.56 -26.65
N ASN A 109 -30.76 9.54 -27.46
CA ASN A 109 -29.43 9.52 -26.85
C ASN A 109 -28.97 10.90 -26.41
N MET A 110 -29.57 11.99 -26.91
CA MET A 110 -29.28 13.31 -26.36
C MET A 110 -29.81 13.41 -24.94
N TYR A 111 -31.05 12.99 -24.72
CA TYR A 111 -31.58 13.01 -23.36
C TYR A 111 -30.91 11.97 -22.49
N ALA A 112 -30.44 10.87 -23.07
CA ALA A 112 -29.59 9.95 -22.31
C ALA A 112 -28.29 10.63 -21.88
N SER A 113 -27.69 11.41 -22.77
CA SER A 113 -26.49 12.16 -22.41
C SER A 113 -26.77 13.13 -21.27
N ILE A 114 -27.90 13.83 -21.34
CA ILE A 114 -28.26 14.76 -20.26
C ILE A 114 -28.42 13.99 -18.95
N TYR A 115 -29.12 12.86 -18.99
CA TYR A 115 -29.35 12.07 -17.80
C TYR A 115 -28.04 11.61 -17.17
N PHE A 116 -27.12 11.13 -18.00
CA PHE A 116 -25.87 10.61 -17.43
C PHE A 116 -24.91 11.71 -17.02
N LEU A 117 -24.98 12.89 -17.66
CA LEU A 117 -24.25 14.03 -17.13
C LEU A 117 -24.76 14.41 -15.75
N VAL A 118 -26.08 14.36 -15.56
CA VAL A 118 -26.65 14.62 -14.24
C VAL A 118 -26.17 13.57 -13.24
N CYS A 119 -26.15 12.30 -13.65
CA CYS A 119 -25.69 11.24 -12.75
C CYS A 119 -24.23 11.44 -12.36
N ILE A 120 -23.38 11.80 -13.32
CA ILE A 120 -21.97 12.05 -13.03
C ILE A 120 -21.82 13.22 -12.07
N SER A 121 -22.57 14.30 -12.31
CA SER A 121 -22.51 15.46 -11.44
C SER A 121 -22.95 15.11 -10.02
N VAL A 122 -24.03 14.33 -9.89
CA VAL A 122 -24.51 13.95 -8.56
C VAL A 122 -23.50 13.07 -7.85
N ARG A 123 -22.88 12.13 -8.58
CA ARG A 123 -21.89 11.26 -7.93
C ARG A 123 -20.69 12.05 -7.47
N ARG A 124 -20.20 12.97 -8.30
CA ARG A 124 -19.07 13.80 -7.89
C ARG A 124 -19.42 14.68 -6.70
N PHE A 125 -20.65 15.22 -6.69
CA PHE A 125 -21.12 15.96 -5.53
C PHE A 125 -21.13 15.09 -4.29
N TRP A 126 -21.55 13.83 -4.43
CA TRP A 126 -21.63 12.92 -3.29
C TRP A 126 -20.25 12.63 -2.72
N PHE A 127 -19.28 12.31 -3.58
CA PHE A 127 -17.98 11.93 -3.05
C PHE A 127 -17.01 13.10 -2.89
N LEU A 128 -17.44 14.33 -3.16
CA LEU A 128 -16.62 15.49 -2.83
C LEU A 128 -17.22 16.37 -1.74
N MET A 129 -18.52 16.29 -1.50
CA MET A 129 -19.16 17.05 -0.44
C MET A 129 -19.34 16.24 0.83
N TYR A 130 -19.59 14.94 0.77
CA TYR A 130 -19.72 14.03 1.92
C TYR A 130 -18.78 12.85 1.74
N PRO A 131 -17.48 13.05 1.87
CA PRO A 131 -16.46 12.04 1.53
C PRO A 131 -16.45 10.71 2.32
N PHE A 132 -16.62 10.92 3.60
CA PHE A 132 -16.63 9.84 4.46
C PHE A 132 -17.81 9.00 4.11
N ARG A 133 -18.98 9.62 4.03
CA ARG A 133 -20.18 8.88 3.77
C ARG A 133 -20.08 8.17 2.49
N PHE A 134 -19.41 8.74 1.53
CA PHE A 134 -19.21 8.03 0.34
C PHE A 134 -18.52 6.74 0.29
N HIS A 135 -17.39 6.46 0.83
CA HIS A 135 -16.83 5.05 0.70
C HIS A 135 -16.76 4.49 -0.75
N ASP A 136 -17.14 3.25 -0.97
CA ASP A 136 -17.15 2.70 -2.34
C ASP A 136 -18.16 1.59 -2.59
N CYS A 137 -18.96 1.25 -1.60
CA CYS A 137 -20.01 0.26 -1.76
C CYS A 137 -21.21 1.13 -1.84
N LYS A 138 -20.95 2.43 -1.94
CA LYS A 138 -22.02 3.37 -2.02
C LYS A 138 -22.05 3.67 -3.46
N GLN A 139 -21.75 2.68 -4.29
CA GLN A 139 -21.83 2.83 -5.70
C GLN A 139 -22.30 1.46 -6.08
N LYS A 140 -23.48 1.09 -5.63
CA LYS A 140 -23.92 -0.29 -5.85
C LYS A 140 -25.11 -0.46 -6.79
N TYR A 141 -26.03 0.51 -6.83
CA TYR A 141 -27.20 0.42 -7.68
C TYR A 141 -26.96 1.15 -8.96
N ASP A 142 -25.72 1.22 -9.37
CA ASP A 142 -25.41 1.97 -10.53
C ASP A 142 -26.03 1.43 -11.76
N LEU A 143 -26.05 0.13 -11.94
CA LEU A 143 -26.57 -0.36 -13.22
C LEU A 143 -28.05 -0.15 -13.27
N TYR A 144 -28.71 -0.14 -12.16
CA TYR A 144 -30.10 0.06 -12.27
C TYR A 144 -30.32 1.49 -12.56
N ILE A 145 -29.57 2.37 -11.96
CA ILE A 145 -29.68 3.80 -12.30
C ILE A 145 -29.39 4.06 -13.76
N SER A 146 -28.49 3.28 -14.36
CA SER A 146 -28.22 3.42 -15.75
C SER A 146 -29.34 2.89 -16.62
N ILE A 147 -29.91 1.73 -16.35
CA ILE A 147 -30.94 1.20 -17.26
C ILE A 147 -32.28 1.71 -16.97
N ALA A 148 -32.44 2.31 -15.85
CA ALA A 148 -33.69 2.90 -15.59
C ALA A 148 -33.72 4.02 -16.45
N GLY A 149 -32.61 4.71 -16.54
CA GLY A 149 -32.59 5.81 -17.48
C GLY A 149 -32.64 5.56 -18.93
N TRP A 150 -31.91 4.59 -19.39
CA TRP A 150 -32.02 4.25 -20.77
C TRP A 150 -33.41 3.77 -21.15
N LEU A 151 -34.23 3.28 -20.25
CA LEU A 151 -35.58 2.95 -20.57
C LEU A 151 -36.53 4.07 -20.48
N ILE A 152 -36.47 4.85 -19.44
CA ILE A 152 -37.48 5.88 -19.37
C ILE A 152 -37.21 6.78 -20.53
N ILE A 153 -35.97 7.03 -20.86
CA ILE A 153 -35.74 7.99 -21.92
C ILE A 153 -36.33 7.44 -23.18
N CYS A 154 -36.07 6.19 -23.51
CA CYS A 154 -36.52 5.61 -24.76
C CYS A 154 -37.99 5.58 -24.84
N LEU A 155 -38.67 5.50 -23.72
CA LEU A 155 -40.15 5.58 -23.72
C LEU A 155 -40.64 7.02 -23.84
N ALA A 156 -40.07 7.96 -23.10
CA ALA A 156 -40.38 9.37 -23.31
C ALA A 156 -40.09 9.76 -24.75
N CYS A 157 -39.00 9.24 -25.32
CA CYS A 157 -38.67 9.56 -26.70
C CYS A 157 -39.48 8.74 -27.68
N VAL A 158 -40.34 7.85 -27.20
CA VAL A 158 -41.39 7.31 -28.07
C VAL A 158 -42.34 8.43 -28.48
N LEU A 159 -42.39 9.51 -27.68
CA LEU A 159 -43.29 10.61 -28.00
C LEU A 159 -42.84 11.36 -29.25
N PHE A 160 -41.53 11.36 -29.53
CA PHE A 160 -40.98 12.11 -30.65
C PHE A 160 -41.47 11.60 -32.01
N PRO A 161 -41.37 10.31 -32.34
CA PRO A 161 -41.90 9.85 -33.63
C PRO A 161 -43.40 10.02 -33.78
N LEU A 162 -44.16 9.83 -32.70
CA LEU A 162 -45.62 9.88 -32.80
C LEU A 162 -46.11 11.29 -33.16
N LEU A 163 -45.50 12.32 -32.58
CA LEU A 163 -45.93 13.68 -32.88
C LEU A 163 -45.54 14.13 -34.28
N ARG A 164 -44.53 13.51 -34.88
CA ARG A 164 -44.10 13.89 -36.23
C ARG A 164 -44.35 12.77 -37.23
N THR A 165 -45.49 12.13 -37.14
CA THR A 165 -45.82 11.00 -37.99
C THR A 165 -46.34 11.46 -39.35
N LYS A 175 -38.92 14.11 -47.51
CA LYS A 175 -39.29 14.48 -46.15
C LYS A 175 -38.85 13.40 -45.16
N CYS A 176 -37.69 13.61 -44.52
CA CYS A 176 -37.16 12.64 -43.58
C CYS A 176 -36.96 13.21 -42.18
N PHE A 177 -36.34 14.37 -42.04
CA PHE A 177 -36.05 14.88 -40.70
C PHE A 177 -36.74 16.19 -40.40
N VAL A 178 -36.75 17.13 -41.34
CA VAL A 178 -37.27 18.47 -41.09
C VAL A 178 -38.58 18.75 -41.83
N ASP A 179 -38.89 18.00 -42.88
CA ASP A 179 -40.04 18.30 -43.72
C ASP A 179 -41.29 17.53 -43.33
N LEU A 180 -41.24 16.72 -42.27
CA LEU A 180 -42.43 15.99 -41.85
C LEU A 180 -43.41 16.93 -41.16
N PRO A 181 -44.70 16.87 -41.52
CA PRO A 181 -45.70 17.67 -40.83
C PRO A 181 -45.95 17.13 -39.43
N THR A 182 -46.16 18.04 -38.48
CA THR A 182 -46.51 17.64 -37.13
C THR A 182 -47.94 17.10 -37.10
N ARG A 183 -48.20 16.19 -36.17
CA ARG A 183 -49.55 15.65 -36.00
C ARG A 183 -50.51 16.75 -35.57
N ASN A 184 -51.69 16.78 -36.18
CA ASN A 184 -52.72 17.73 -35.79
C ASN A 184 -53.29 17.37 -34.42
N VAL A 185 -52.86 18.10 -33.40
CA VAL A 185 -53.26 17.84 -32.02
C VAL A 185 -53.74 19.13 -31.40
N ASN A 186 -54.58 19.01 -30.38
CA ASN A 186 -55.17 20.18 -29.74
C ASN A 186 -54.10 21.04 -29.10
N LEU A 187 -54.31 22.36 -29.15
CA LEU A 187 -53.32 23.30 -28.62
C LEU A 187 -53.14 23.11 -27.12
N ALA A 188 -54.24 22.91 -26.39
CA ALA A 188 -54.14 22.80 -24.93
C ALA A 188 -53.35 21.55 -24.52
N GLN A 189 -53.70 20.40 -25.09
CA GLN A 189 -52.99 19.16 -24.74
C GLN A 189 -51.54 19.22 -25.19
N SER A 190 -51.29 19.76 -26.38
CA SER A 190 -49.91 19.89 -26.86
C SER A 190 -49.09 20.78 -25.95
N VAL A 191 -49.66 21.92 -25.54
CA VAL A 191 -48.93 22.83 -24.67
C VAL A 191 -48.67 22.19 -23.31
N VAL A 192 -49.66 21.49 -22.76
CA VAL A 192 -49.47 20.86 -21.45
C VAL A 192 -48.38 19.81 -21.52
N MET A 193 -48.43 18.94 -22.55
CA MET A 193 -47.43 17.90 -22.70
C MET A 193 -46.04 18.48 -22.96
N MET A 194 -45.96 19.51 -23.79
CA MET A 194 -44.69 20.15 -24.08
C MET A 194 -44.09 20.80 -22.83
N THR A 195 -44.94 21.46 -22.03
CA THR A 195 -44.47 22.04 -20.78
C THR A 195 -43.98 20.97 -19.83
N ILE A 196 -44.71 19.85 -19.74
CA ILE A 196 -44.28 18.76 -18.86
C ILE A 196 -42.91 18.23 -19.28
N GLY A 197 -42.76 17.96 -20.59
CA GLY A 197 -41.50 17.42 -21.07
C GLY A 197 -40.34 18.37 -20.89
N GLU A 198 -40.54 19.64 -21.27
CA GLU A 198 -39.51 20.65 -21.05
C GLU A 198 -39.15 20.74 -19.57
N LEU A 199 -40.16 20.90 -18.71
CA LEU A 199 -39.94 21.03 -17.27
C LEU A 199 -39.07 19.90 -16.76
N ILE A 200 -39.53 18.65 -16.90
CA ILE A 200 -38.73 17.55 -16.37
C ILE A 200 -37.36 17.55 -17.05
N GLY A 201 -37.32 17.29 -18.35
CA GLY A 201 -36.09 16.90 -19.03
C GLY A 201 -35.07 18.00 -19.17
N PHE A 202 -35.42 19.24 -18.85
CA PHE A 202 -34.42 20.30 -18.78
C PHE A 202 -34.26 20.85 -17.37
N VAL A 203 -35.35 21.32 -16.75
CA VAL A 203 -35.24 21.99 -15.47
C VAL A 203 -34.68 21.05 -14.41
N THR A 204 -35.16 19.80 -14.35
CA THR A 204 -34.63 18.90 -13.32
C THR A 204 -33.15 18.64 -13.53
N PRO A 205 -32.68 18.26 -14.74
CA PRO A 205 -31.23 18.20 -14.95
C PRO A 205 -30.51 19.50 -14.67
N LEU A 206 -31.08 20.63 -15.08
CA LEU A 206 -30.37 21.90 -14.92
C LEU A 206 -30.25 22.27 -13.45
N LEU A 207 -31.36 22.20 -12.71
CA LEU A 207 -31.31 22.52 -11.29
C LEU A 207 -30.38 21.58 -10.55
N ILE A 208 -30.46 20.28 -10.84
CA ILE A 208 -29.62 19.32 -10.13
C ILE A 208 -28.14 19.58 -10.42
N VAL A 209 -27.80 19.80 -11.71
CA VAL A 209 -26.40 20.03 -12.07
C VAL A 209 -25.89 21.31 -11.45
N LEU A 210 -26.68 22.39 -11.50
CA LEU A 210 -26.24 23.66 -10.92
C LEU A 210 -26.03 23.53 -9.43
N TYR A 211 -26.96 22.89 -8.71
CA TYR A 211 -26.80 22.74 -7.26
C TYR A 211 -25.59 21.89 -6.92
N CYS A 212 -25.42 20.76 -7.62
CA CYS A 212 -24.30 19.89 -7.33
C CYS A 212 -22.98 20.57 -7.63
N THR A 213 -22.90 21.31 -8.75
CA THR A 213 -21.67 22.02 -9.07
C THR A 213 -21.38 23.11 -8.04
N TRP A 214 -22.40 23.84 -7.60
CA TRP A 214 -22.19 24.85 -6.58
C TRP A 214 -21.65 24.23 -5.29
N LYS A 215 -22.27 23.14 -4.83
CA LYS A 215 -21.83 22.52 -3.59
C LYS A 215 -20.43 21.92 -3.73
N THR A 216 -20.14 21.31 -4.88
CA THR A 216 -18.83 20.73 -5.10
C THR A 216 -17.75 21.81 -5.14
N VAL A 217 -18.04 22.94 -5.79
CA VAL A 217 -17.10 24.05 -5.82
C VAL A 217 -16.87 24.60 -4.42
N LEU A 218 -17.95 24.68 -3.62
CA LEU A 218 -17.80 25.12 -2.24
C LEU A 218 -16.91 24.16 -1.45
N SER A 219 -17.08 22.85 -1.67
CA SER A 219 -16.28 21.87 -0.93
C SER A 219 -14.81 21.93 -1.34
N LEU A 220 -14.53 22.02 -2.64
CA LEU A 220 -13.15 22.00 -3.11
C LEU A 220 -12.39 23.28 -2.76
N GLN A 221 -13.06 24.32 -2.27
CA GLN A 221 -12.41 25.57 -1.91
C GLN A 221 -12.03 25.52 -0.44
N ASP A 222 -10.73 25.63 -0.15
CA ASP A 222 -10.23 25.59 1.22
C ASP A 222 -10.21 27.00 1.79
N LYS A 223 -11.02 27.25 2.80
CA LYS A 223 -11.04 28.54 3.46
C LYS A 223 -9.86 28.66 4.43
N TYR A 224 -9.83 27.81 5.45
CA TYR A 224 -8.67 27.71 6.31
C TYR A 224 -7.51 27.08 5.54
N PRO A 225 -6.27 27.47 5.84
CA PRO A 225 -5.14 26.91 5.10
C PRO A 225 -5.05 25.40 5.25
N MET A 226 -4.69 24.74 4.16
CA MET A 226 -4.52 23.29 4.14
C MET A 226 -3.19 22.92 3.51
N ALA A 227 -2.99 21.64 3.22
CA ALA A 227 -1.75 21.20 2.59
C ALA A 227 -1.54 21.91 1.26
N GLN A 228 -0.34 22.44 1.06
CA GLN A 228 -0.01 23.12 -0.20
C GLN A 228 0.19 22.09 -1.30
N ASP A 229 -0.87 21.83 -2.07
CA ASP A 229 -0.85 20.77 -3.06
C ASP A 229 -0.11 21.21 -4.31
N LEU A 230 -0.07 20.31 -5.30
CA LEU A 230 0.49 20.62 -6.61
C LEU A 230 -0.54 21.31 -7.51
N GLY A 231 -1.76 21.52 -7.04
CA GLY A 231 -2.79 22.19 -7.80
C GLY A 231 -3.94 21.33 -8.25
N GLU A 232 -4.06 20.10 -7.75
CA GLU A 232 -5.14 19.23 -8.22
C GLU A 232 -6.50 19.64 -7.65
N LYS A 233 -6.54 20.22 -6.45
CA LYS A 233 -7.82 20.68 -5.91
C LYS A 233 -8.33 21.91 -6.65
N GLN A 234 -7.48 22.61 -7.38
CA GLN A 234 -7.93 23.70 -8.24
C GLN A 234 -8.15 23.24 -9.68
N LYS A 235 -7.38 22.27 -10.15
CA LYS A 235 -7.66 21.68 -11.45
C LYS A 235 -9.01 20.99 -11.46
N ALA A 236 -9.36 20.30 -10.36
CA ALA A 236 -10.68 19.71 -10.26
C ALA A 236 -11.77 20.78 -10.21
N LEU A 237 -11.50 21.89 -9.54
CA LEU A 237 -12.45 23.00 -9.50
C LEU A 237 -12.71 23.53 -10.91
N LYS A 238 -11.63 23.74 -11.67
CA LYS A 238 -11.77 24.21 -13.04
C LYS A 238 -12.51 23.19 -13.90
N MET A 239 -12.24 21.91 -13.70
CA MET A 239 -12.95 20.87 -14.46
C MET A 239 -14.44 20.87 -14.15
N ILE A 240 -14.80 21.00 -12.87
CA ILE A 240 -16.20 21.03 -12.49
C ILE A 240 -16.90 22.24 -13.10
N LEU A 241 -16.26 23.41 -13.00
CA LEU A 241 -16.86 24.62 -13.55
C LEU A 241 -16.98 24.53 -15.06
N THR A 242 -15.98 23.97 -15.75
CA THR A 242 -16.05 23.81 -17.19
C THR A 242 -17.18 22.87 -17.58
N CYS A 243 -17.43 21.78 -16.88
CA CYS A 243 -18.53 20.90 -17.18
C CYS A 243 -19.89 21.54 -17.04
N ALA A 244 -20.26 22.01 -15.91
CA ALA A 244 -21.49 22.71 -15.81
C ALA A 244 -21.61 23.71 -16.88
N GLY A 245 -20.59 24.41 -17.23
CA GLY A 245 -20.73 25.43 -18.23
C GLY A 245 -21.02 24.94 -19.58
N VAL A 246 -20.30 23.99 -20.09
CA VAL A 246 -20.65 23.41 -21.35
C VAL A 246 -22.06 22.85 -21.27
N PHE A 247 -22.50 22.22 -20.21
CA PHE A 247 -23.89 21.79 -20.16
C PHE A 247 -24.77 22.97 -20.36
N LEU A 248 -24.73 23.96 -19.51
CA LEU A 248 -25.63 25.07 -19.60
C LEU A 248 -25.57 25.77 -20.92
N ILE A 249 -24.49 25.72 -21.66
CA ILE A 249 -24.54 26.47 -22.92
C ILE A 249 -24.85 25.65 -24.12
N CYS A 250 -24.64 24.36 -24.06
CA CYS A 250 -25.05 23.58 -25.17
C CYS A 250 -26.46 23.22 -24.98
N PHE A 251 -26.95 23.25 -23.73
CA PHE A 251 -28.30 22.72 -23.66
C PHE A 251 -29.38 23.77 -23.41
N ALA A 252 -29.04 24.94 -22.86
CA ALA A 252 -30.06 25.95 -22.64
C ALA A 252 -30.72 26.44 -23.92
N PRO A 253 -29.98 26.89 -24.95
CA PRO A 253 -30.66 27.45 -26.13
C PRO A 253 -31.60 26.47 -26.80
N TYR A 254 -31.25 25.19 -26.82
CA TYR A 254 -32.13 24.20 -27.42
C TYR A 254 -33.48 24.15 -26.72
N HIS A 255 -33.46 24.17 -25.39
CA HIS A 255 -34.71 24.06 -24.65
C HIS A 255 -35.46 25.38 -24.53
N PHE A 256 -34.81 26.52 -24.78
CA PHE A 256 -35.59 27.74 -24.98
C PHE A 256 -36.25 27.77 -26.34
N SER A 257 -35.55 27.34 -27.39
CA SER A 257 -36.11 27.42 -28.74
C SER A 257 -37.03 26.25 -29.08
N PHE A 258 -37.01 25.18 -28.30
CA PHE A 258 -37.82 24.01 -28.61
C PHE A 258 -39.32 24.27 -28.53
N PRO A 259 -39.87 24.88 -27.48
CA PRO A 259 -41.31 25.21 -27.51
C PRO A 259 -41.69 26.13 -28.64
N LEU A 260 -40.85 27.12 -28.93
CA LEU A 260 -41.13 28.04 -30.03
C LEU A 260 -41.13 27.31 -31.37
N ASP A 261 -40.16 26.42 -31.58
CA ASP A 261 -40.11 25.66 -32.82
C ASP A 261 -41.32 24.75 -32.96
N PHE A 262 -41.74 24.11 -31.86
CA PHE A 262 -42.93 23.26 -31.91
C PHE A 262 -44.17 24.08 -32.24
N LEU A 263 -44.28 25.27 -31.65
CA LEU A 263 -45.41 26.14 -31.96
C LEU A 263 -45.41 26.55 -33.43
N VAL A 264 -44.24 26.88 -33.97
CA VAL A 264 -44.16 27.27 -35.38
C VAL A 264 -44.54 26.12 -36.28
N LYS A 265 -44.10 24.91 -35.97
CA LYS A 265 -44.36 23.77 -36.85
C LYS A 265 -45.77 23.33 -36.72
N SER A 266 -46.45 23.72 -35.65
CA SER A 266 -47.86 23.43 -35.48
C SER A 266 -48.74 24.54 -36.02
N ASN A 267 -48.15 25.55 -36.67
CA ASN A 267 -48.83 26.70 -37.26
C ASN A 267 -49.51 27.59 -36.22
N GLU A 268 -49.16 27.45 -34.95
CA GLU A 268 -49.70 28.35 -33.93
C GLU A 268 -49.21 29.78 -34.15
N ILE A 269 -47.94 29.95 -34.50
CA ILE A 269 -47.35 31.26 -34.76
C ILE A 269 -47.47 31.56 -36.24
N LYS A 270 -47.95 32.76 -36.57
CA LYS A 270 -48.24 33.12 -37.95
C LYS A 270 -47.34 34.20 -38.52
N SER A 271 -46.54 34.87 -37.69
CA SER A 271 -45.68 35.93 -38.19
C SER A 271 -44.52 35.33 -38.98
N CYS A 272 -44.40 35.73 -40.25
CA CYS A 272 -43.42 35.12 -41.15
C CYS A 272 -42.01 35.37 -40.67
N LEU A 273 -41.69 36.62 -40.30
CA LEU A 273 -40.35 36.93 -39.80
C LEU A 273 -40.08 36.18 -38.50
N ALA A 274 -41.06 36.15 -37.60
CA ALA A 274 -40.89 35.42 -36.35
C ALA A 274 -40.69 33.93 -36.61
N ARG A 275 -41.45 33.36 -37.54
CA ARG A 275 -41.29 31.94 -37.86
C ARG A 275 -39.89 31.68 -38.41
N ARG A 276 -39.41 32.53 -39.31
CA ARG A 276 -38.09 32.33 -39.90
C ARG A 276 -37.00 32.42 -38.84
N VAL A 277 -37.06 33.44 -37.97
CA VAL A 277 -36.01 33.59 -36.97
C VAL A 277 -36.07 32.45 -35.96
N ILE A 278 -37.28 31.97 -35.65
CA ILE A 278 -37.40 30.83 -34.73
C ILE A 278 -36.79 29.58 -35.35
N LEU A 279 -37.04 29.36 -36.65
CA LEU A 279 -36.45 28.19 -37.32
C LEU A 279 -34.93 28.28 -37.32
N ILE A 280 -34.38 29.46 -37.62
CA ILE A 280 -32.93 29.63 -37.64
C ILE A 280 -32.35 29.41 -36.24
N PHE A 281 -33.01 29.96 -35.23
CA PHE A 281 -32.54 29.80 -33.85
C PHE A 281 -32.58 28.34 -33.42
N HIS A 282 -33.64 27.62 -33.80
CA HIS A 282 -33.74 26.21 -33.45
C HIS A 282 -32.65 25.40 -34.16
N SER A 283 -32.36 25.73 -35.41
CA SER A 283 -31.28 25.05 -36.12
C SER A 283 -29.95 25.27 -35.39
N VAL A 284 -29.68 26.52 -35.01
CA VAL A 284 -28.45 26.82 -34.28
C VAL A 284 -28.41 26.08 -32.95
N ALA A 285 -29.57 25.95 -32.30
CA ALA A 285 -29.63 25.30 -31.00
C ALA A 285 -29.35 23.80 -31.10
N LEU A 286 -29.93 23.13 -32.10
CA LEU A 286 -29.59 21.72 -32.32
C LEU A 286 -28.13 21.56 -32.73
N CYS A 287 -27.59 22.54 -33.47
CA CYS A 287 -26.17 22.54 -33.75
C CYS A 287 -25.36 22.55 -32.45
N LEU A 288 -25.76 23.39 -31.51
CA LEU A 288 -25.07 23.45 -30.22
C LEU A 288 -25.21 22.15 -29.45
N ALA A 289 -26.40 21.53 -29.50
CA ALA A 289 -26.59 20.27 -28.78
C ALA A 289 -25.69 19.17 -29.33
N SER A 290 -25.61 19.06 -30.66
CA SER A 290 -24.68 18.09 -31.24
C SER A 290 -23.23 18.45 -30.95
N LEU A 291 -22.93 19.74 -30.87
CA LEU A 291 -21.60 20.18 -30.48
C LEU A 291 -21.27 19.69 -29.07
N ASN A 292 -22.26 19.72 -28.18
CA ASN A 292 -22.05 19.17 -26.83
C ASN A 292 -21.84 17.67 -26.90
N SER A 293 -22.59 17.00 -27.79
CA SER A 293 -22.39 15.56 -27.98
C SER A 293 -20.95 15.25 -28.34
N CYS A 294 -20.31 16.10 -29.15
CA CYS A 294 -18.92 15.85 -29.51
C CYS A 294 -17.91 16.49 -28.56
N LEU A 295 -18.36 17.38 -27.66
CA LEU A 295 -17.47 18.02 -26.70
C LEU A 295 -17.40 17.30 -25.36
N ASP A 296 -18.39 16.50 -25.01
CA ASP A 296 -18.30 15.71 -23.78
C ASP A 296 -17.04 14.87 -23.72
N PRO A 297 -16.61 14.17 -24.79
CA PRO A 297 -15.32 13.47 -24.74
C PRO A 297 -14.20 14.31 -24.19
N VAL A 298 -13.92 15.45 -24.84
CA VAL A 298 -12.77 16.27 -24.47
C VAL A 298 -12.79 16.60 -22.98
N ILE A 299 -13.81 17.33 -22.55
CA ILE A 299 -13.92 17.84 -21.19
C ILE A 299 -13.94 16.73 -20.15
N TYR A 300 -14.81 15.74 -20.37
CA TYR A 300 -15.03 14.75 -19.31
C TYR A 300 -13.93 13.72 -19.25
N TYR A 301 -13.18 13.53 -20.34
CA TYR A 301 -12.32 12.37 -20.44
C TYR A 301 -10.86 12.77 -20.63
N PHE A 302 -10.57 13.60 -21.63
CA PHE A 302 -9.19 13.92 -21.97
C PHE A 302 -8.57 14.95 -21.03
N SER A 303 -9.38 15.70 -20.28
CA SER A 303 -8.84 16.55 -19.24
C SER A 303 -8.44 15.76 -18.01
N THR A 304 -8.92 14.53 -17.89
CA THR A 304 -8.62 13.70 -16.74
C THR A 304 -7.19 13.18 -16.81
N ASN A 305 -6.52 13.11 -15.65
CA ASN A 305 -5.14 12.63 -15.60
C ASN A 305 -5.04 11.18 -16.05
N GLU A 306 -6.04 10.35 -15.74
CA GLU A 306 -5.96 8.93 -16.08
C GLU A 306 -5.88 8.73 -17.59
N PHE A 307 -6.70 9.47 -18.35
CA PHE A 307 -6.59 9.40 -19.81
C PHE A 307 -5.23 9.90 -20.28
N ARG A 308 -4.77 11.03 -19.74
CA ARG A 308 -3.51 11.60 -20.18
C ARG A 308 -2.31 10.73 -19.81
N ARG A 309 -2.49 9.79 -18.88
CA ARG A 309 -1.45 8.83 -18.56
C ARG A 309 -1.57 7.55 -19.38
N ARG A 310 -2.80 7.10 -19.66
CA ARG A 310 -2.97 5.86 -20.41
C ARG A 310 -2.57 6.03 -21.88
N LEU A 311 -2.90 7.16 -22.49
CA LEU A 311 -2.44 7.41 -23.85
C LEU A 311 -0.93 7.58 -23.91
N SER A 312 -0.34 8.20 -22.91
CA SER A 312 1.12 8.34 -22.84
C SER A 312 1.76 7.07 -22.29
N GLN B 7 -22.79 -36.43 1.90
CA GLN B 7 -22.38 -35.67 0.73
C GLN B 7 -23.13 -34.35 0.63
N ARG B 8 -24.31 -34.38 0.00
CA ARG B 8 -25.11 -33.17 -0.13
C ARG B 8 -25.65 -32.70 1.21
N ASN B 9 -25.92 -33.63 2.13
CA ASN B 9 -26.48 -33.26 3.43
C ASN B 9 -25.53 -32.36 4.21
N GLU B 10 -24.24 -32.70 4.22
CA GLU B 10 -23.27 -31.84 4.89
C GLU B 10 -22.92 -30.62 4.08
N GLU B 11 -22.98 -30.71 2.74
CA GLU B 11 -22.68 -29.55 1.91
C GLU B 11 -23.72 -28.46 2.06
N LYS B 12 -24.99 -28.83 2.24
CA LYS B 12 -26.02 -27.82 2.50
C LYS B 12 -25.75 -27.08 3.80
N ALA B 13 -25.37 -27.82 4.85
CA ALA B 13 -25.04 -27.18 6.12
C ALA B 13 -23.83 -26.27 5.98
N GLN B 14 -22.82 -26.71 5.22
CA GLN B 14 -21.65 -25.85 4.98
C GLN B 14 -22.05 -24.58 4.24
N ARG B 15 -22.94 -24.70 3.26
CA ARG B 15 -23.39 -23.51 2.52
C ARG B 15 -24.16 -22.56 3.43
N GLU B 16 -25.01 -23.09 4.30
CA GLU B 16 -25.74 -22.21 5.23
C GLU B 16 -24.79 -21.54 6.21
N ALA B 17 -23.79 -22.28 6.71
CA ALA B 17 -22.80 -21.67 7.59
C ALA B 17 -22.01 -20.58 6.88
N ASN B 18 -21.64 -20.82 5.63
CA ASN B 18 -20.97 -19.78 4.84
C ASN B 18 -21.87 -18.57 4.63
N LYS B 19 -23.16 -18.80 4.43
CA LYS B 19 -24.09 -17.69 4.28
C LYS B 19 -24.14 -16.83 5.54
N LYS B 20 -24.22 -17.47 6.70
CA LYS B 20 -24.21 -16.73 7.96
C LYS B 20 -22.89 -15.99 8.15
N ILE B 21 -21.77 -16.65 7.80
CA ILE B 21 -20.47 -16.02 7.92
C ILE B 21 -20.39 -14.79 7.03
N GLU B 22 -20.88 -14.89 5.80
CA GLU B 22 -20.83 -13.75 4.89
C GLU B 22 -21.77 -12.63 5.32
N LYS B 23 -22.90 -12.96 5.93
CA LYS B 23 -23.79 -11.92 6.46
C LYS B 23 -23.10 -11.15 7.58
N GLN B 24 -22.53 -11.88 8.55
CA GLN B 24 -21.79 -11.23 9.62
C GLN B 24 -20.61 -10.45 9.08
N LEU B 25 -19.97 -10.96 8.02
CA LEU B 25 -18.81 -10.29 7.44
C LEU B 25 -19.20 -9.01 6.72
N GLN B 26 -20.38 -8.99 6.09
CA GLN B 26 -20.88 -7.76 5.49
C GLN B 26 -21.20 -6.73 6.56
N LYS B 27 -21.81 -7.17 7.67
CA LYS B 27 -22.05 -6.25 8.79
C LYS B 27 -20.72 -5.69 9.32
N ASP B 28 -19.73 -6.55 9.48
CA ASP B 28 -18.42 -6.11 9.95
C ASP B 28 -17.76 -5.18 8.95
N LYS B 29 -17.95 -5.39 7.65
CA LYS B 29 -17.42 -4.48 6.65
C LYS B 29 -18.06 -3.11 6.77
N GLN B 30 -19.38 -3.07 6.96
CA GLN B 30 -20.05 -1.78 7.15
C GLN B 30 -19.53 -1.05 8.38
N VAL B 31 -19.31 -1.79 9.47
CA VAL B 31 -18.78 -1.17 10.68
C VAL B 31 -17.33 -0.73 10.47
N TYR B 32 -16.55 -1.53 9.75
CA TYR B 32 -15.11 -1.30 9.62
C TYR B 32 -14.82 -0.11 8.71
N ARG B 33 -15.51 -0.03 7.58
CA ARG B 33 -15.26 1.07 6.65
C ARG B 33 -15.74 2.41 7.22
N ALA B 34 -16.60 2.40 8.23
CA ALA B 34 -17.12 3.62 8.82
C ALA B 34 -16.19 4.23 9.86
N THR B 35 -15.10 3.57 10.18
CA THR B 35 -14.11 4.08 11.13
C THR B 35 -12.77 4.24 10.42
N HIS B 36 -12.01 5.25 10.85
CA HIS B 36 -10.76 5.61 10.22
C HIS B 36 -9.62 5.37 11.19
N ARG B 37 -8.58 4.69 10.73
CA ARG B 37 -7.44 4.34 11.57
C ARG B 37 -6.33 5.38 11.39
N LEU B 38 -5.81 5.86 12.51
CA LEU B 38 -4.71 6.82 12.52
C LEU B 38 -3.54 6.22 13.28
N LEU B 39 -2.34 6.41 12.76
CA LEU B 39 -1.13 5.89 13.40
C LEU B 39 -0.42 7.02 14.12
N LEU B 40 -0.39 6.96 15.45
CA LEU B 40 0.25 8.00 16.25
C LEU B 40 1.72 7.65 16.41
N LEU B 41 2.59 8.58 16.02
CA LEU B 41 4.03 8.40 16.09
C LEU B 41 4.67 9.59 16.78
N GLY B 42 5.81 9.34 17.40
CA GLY B 42 6.51 10.39 18.13
C GLY B 42 7.68 9.82 18.88
N ALA B 43 8.10 10.54 19.91
CA ALA B 43 9.21 10.11 20.76
C ALA B 43 8.93 10.57 22.18
N ASP B 44 9.86 10.23 23.08
CA ASP B 44 9.76 10.68 24.46
C ASP B 44 9.90 12.20 24.52
N ASN B 45 9.30 12.79 25.55
CA ASN B 45 9.24 14.23 25.78
C ASN B 45 8.42 14.96 24.72
N SER B 46 7.72 14.23 23.85
CA SER B 46 6.76 14.80 22.92
C SER B 46 5.36 14.44 23.40
N GLY B 47 4.50 15.45 23.50
CA GLY B 47 3.24 15.26 24.17
C GLY B 47 2.20 14.48 23.39
N LYS B 48 2.58 13.35 22.80
CA LYS B 48 1.59 12.49 22.14
C LYS B 48 0.59 11.94 23.15
N SER B 49 1.07 11.56 24.33
CA SER B 49 0.18 11.12 25.40
C SER B 49 -0.73 12.26 25.84
N THR B 50 -0.19 13.48 25.93
CA THR B 50 -1.02 14.63 26.27
C THR B 50 -2.07 14.88 25.20
N ILE B 51 -1.70 14.73 23.94
CA ILE B 51 -2.68 14.86 22.85
C ILE B 51 -3.78 13.82 23.03
N VAL B 52 -3.39 12.58 23.33
CA VAL B 52 -4.38 11.50 23.47
C VAL B 52 -5.32 11.80 24.63
N LYS B 53 -4.78 12.19 25.77
CA LYS B 53 -5.62 12.39 26.96
C LYS B 53 -6.49 13.63 26.84
N GLN B 54 -6.00 14.69 26.20
CA GLN B 54 -6.83 15.87 26.00
C GLN B 54 -7.90 15.65 24.95
N MET B 55 -7.76 14.63 24.12
CA MET B 55 -8.79 14.23 23.16
C MET B 55 -9.79 13.25 23.74
N ARG B 56 -9.61 12.85 24.99
CA ARG B 56 -10.49 11.88 25.65
C ARG B 56 -10.57 10.57 24.88
N ILE B 71 -2.91 4.85 26.14
CA ILE B 71 -2.50 3.46 25.98
C ILE B 71 -2.24 3.14 24.52
N PHE B 72 -2.42 1.87 24.15
CA PHE B 72 -2.22 1.47 22.76
C PHE B 72 -3.21 2.15 21.83
N GLU B 73 -4.48 2.19 22.21
CA GLU B 73 -5.52 2.71 21.33
C GLU B 73 -6.40 3.71 22.08
N THR B 74 -6.79 4.77 21.37
CA THR B 74 -7.72 5.77 21.89
C THR B 74 -8.78 6.06 20.83
N LYS B 75 -10.03 6.11 21.25
CA LYS B 75 -11.15 6.29 20.34
C LYS B 75 -11.79 7.65 20.57
N PHE B 76 -11.99 8.41 19.50
CA PHE B 76 -12.71 9.67 19.57
C PHE B 76 -13.66 9.78 18.39
N GLN B 77 -14.62 10.69 18.53
CA GLN B 77 -15.66 10.89 17.53
C GLN B 77 -15.87 12.38 17.34
N VAL B 78 -15.85 12.81 16.08
CA VAL B 78 -16.11 14.20 15.72
C VAL B 78 -17.01 14.25 14.50
N ASP B 79 -18.04 15.08 14.56
CA ASP B 79 -19.01 15.23 13.47
C ASP B 79 -19.58 13.87 13.04
N LYS B 80 -19.90 13.04 14.03
CA LYS B 80 -20.47 11.72 13.83
C LYS B 80 -19.55 10.81 13.02
N VAL B 81 -18.25 11.10 13.00
CA VAL B 81 -17.25 10.26 12.36
C VAL B 81 -16.33 9.73 13.45
N ASN B 82 -16.11 8.42 13.43
CA ASN B 82 -15.36 7.73 14.48
C ASN B 82 -13.92 7.50 14.00
N PHE B 83 -12.96 8.02 14.75
CA PHE B 83 -11.55 7.69 14.56
C PHE B 83 -11.06 6.92 15.77
N HIS B 84 -10.15 5.98 15.53
CA HIS B 84 -9.42 5.37 16.64
C HIS B 84 -7.94 5.31 16.28
N MET B 85 -7.13 5.87 17.18
CA MET B 85 -5.72 6.11 17.00
C MET B 85 -4.93 5.06 17.77
N PHE B 86 -3.79 4.66 17.20
CA PHE B 86 -2.94 3.63 17.78
C PHE B 86 -1.60 4.22 18.15
N ASP B 87 -1.23 4.11 19.42
CA ASP B 87 0.08 4.50 19.92
C ASP B 87 0.84 3.22 20.26
N VAL B 88 1.72 2.82 19.35
CA VAL B 88 2.45 1.57 19.49
C VAL B 88 3.68 1.86 20.36
N GLY B 89 3.63 1.42 21.62
CA GLY B 89 4.70 1.70 22.54
C GLY B 89 5.22 0.48 23.29
N GLY B 90 4.76 -0.69 22.89
CA GLY B 90 5.16 -1.93 23.53
C GLY B 90 6.31 -2.67 22.88
N GLN B 91 7.02 -2.04 21.94
CA GLN B 91 8.08 -2.70 21.21
C GLN B 91 9.43 -2.06 21.51
N ARG B 92 10.45 -2.54 20.82
CA ARG B 92 11.81 -2.02 20.98
C ARG B 92 11.97 -0.76 20.13
N ASP B 93 13.22 -0.30 19.99
CA ASP B 93 13.47 0.93 19.27
C ASP B 93 13.28 0.77 17.77
N GLU B 94 13.58 -0.41 17.23
CA GLU B 94 13.48 -0.63 15.78
C GLU B 94 12.03 -0.55 15.33
N ARG B 95 11.80 0.13 14.21
CA ARG B 95 10.45 0.43 13.74
C ARG B 95 10.09 -0.20 12.42
N ARG B 96 11.03 -0.82 11.70
CA ARG B 96 10.79 -1.18 10.30
C ARG B 96 9.59 -2.10 10.14
N LYS B 97 9.59 -3.21 10.88
CA LYS B 97 8.65 -4.28 10.60
C LYS B 97 7.25 -3.95 11.08
N TRP B 98 7.13 -3.28 12.22
CA TRP B 98 5.80 -2.91 12.68
C TRP B 98 5.34 -1.55 12.13
N ILE B 99 6.21 -0.81 11.46
CA ILE B 99 5.75 0.32 10.68
C ILE B 99 5.30 -0.14 9.29
N GLN B 100 5.77 -1.30 8.84
CA GLN B 100 5.19 -1.90 7.64
C GLN B 100 3.73 -2.25 7.86
N CYS B 101 3.33 -2.46 9.13
CA CYS B 101 1.96 -2.89 9.42
C CYS B 101 0.95 -1.79 9.20
N PHE B 102 1.35 -0.54 9.47
CA PHE B 102 0.43 0.60 9.41
C PHE B 102 0.56 1.30 8.06
N ASN B 103 0.22 0.58 6.99
CA ASN B 103 0.25 1.17 5.67
C ASN B 103 -1.14 1.50 5.13
N ASP B 104 -2.20 0.94 5.71
CA ASP B 104 -3.56 1.18 5.28
C ASP B 104 -4.25 2.29 6.07
N VAL B 105 -3.56 2.88 7.04
CA VAL B 105 -4.19 3.93 7.84
C VAL B 105 -4.44 5.16 6.99
N THR B 106 -5.44 5.95 7.38
CA THR B 106 -5.75 7.17 6.64
C THR B 106 -4.64 8.21 6.82
N ALA B 107 -4.14 8.36 8.03
CA ALA B 107 -3.14 9.37 8.32
C ALA B 107 -2.17 8.90 9.40
N ILE B 108 -0.94 9.36 9.27
CA ILE B 108 0.08 9.17 10.31
C ILE B 108 0.22 10.49 11.05
N ILE B 109 -0.14 10.50 12.32
CA ILE B 109 -0.08 11.70 13.15
C ILE B 109 1.27 11.70 13.86
N PHE B 110 2.18 12.53 13.38
CA PHE B 110 3.55 12.59 13.87
C PHE B 110 3.67 13.79 14.80
N VAL B 111 3.94 13.52 16.07
CA VAL B 111 4.03 14.56 17.09
C VAL B 111 5.50 14.79 17.43
N VAL B 112 5.94 16.04 17.36
CA VAL B 112 7.33 16.41 17.61
C VAL B 112 7.39 17.59 18.56
N ASP B 113 8.28 17.52 19.55
CA ASP B 113 8.48 18.62 20.49
C ASP B 113 9.34 19.69 19.83
N SER B 114 8.76 20.87 19.60
CA SER B 114 9.49 21.95 18.96
C SER B 114 10.54 22.55 19.88
N SER B 115 10.31 22.49 21.19
CA SER B 115 11.24 23.11 22.14
C SER B 115 12.60 22.40 22.12
N ASP B 116 12.60 21.07 22.08
CA ASP B 116 13.83 20.30 22.20
C ASP B 116 14.60 20.39 20.88
N TYR B 117 15.65 21.22 20.86
CA TYR B 117 16.48 21.34 19.67
C TYR B 117 17.38 20.13 19.49
N ASN B 118 17.74 19.47 20.59
CA ASN B 118 18.64 18.31 20.51
C ASN B 118 18.01 17.19 19.67
N ARG B 119 16.74 16.90 19.90
CA ARG B 119 16.05 15.80 19.24
C ARG B 119 15.31 16.24 17.99
N LEU B 120 15.44 17.51 17.59
CA LEU B 120 14.79 17.97 16.35
C LEU B 120 15.34 17.23 15.14
N GLN B 121 16.66 17.01 15.11
CA GLN B 121 17.25 16.28 13.98
C GLN B 121 16.79 14.84 13.97
N GLU B 122 16.68 14.21 15.14
CA GLU B 122 16.19 12.83 15.19
C GLU B 122 14.76 12.74 14.68
N ALA B 123 13.92 13.71 15.06
CA ALA B 123 12.55 13.72 14.56
C ALA B 123 12.48 13.99 13.07
N LEU B 124 13.36 14.86 12.56
CA LEU B 124 13.43 15.08 11.12
C LEU B 124 13.83 13.82 10.39
N ASN B 125 14.79 13.07 10.93
CA ASN B 125 15.21 11.82 10.32
C ASN B 125 14.08 10.80 10.34
N LEU B 126 13.35 10.72 11.45
CA LEU B 126 12.22 9.80 11.53
C LEU B 126 11.12 10.18 10.54
N PHE B 127 10.85 11.48 10.41
CA PHE B 127 9.85 11.94 9.45
C PHE B 127 10.28 11.62 8.03
N LYS B 128 11.56 11.80 7.71
CA LYS B 128 12.06 11.46 6.38
C LYS B 128 11.93 9.97 6.12
N SER B 129 12.25 9.14 7.12
CA SER B 129 12.13 7.69 6.95
C SER B 129 10.68 7.29 6.72
N ILE B 130 9.75 7.88 7.47
CA ILE B 130 8.33 7.57 7.26
C ILE B 130 7.88 8.05 5.89
N TRP B 131 8.31 9.24 5.47
CA TRP B 131 7.88 9.81 4.20
C TRP B 131 8.37 8.97 3.03
N ASN B 132 9.62 8.54 3.05
CA ASN B 132 10.23 7.87 1.91
C ASN B 132 10.06 6.36 1.92
N ASN B 133 9.35 5.81 2.90
CA ASN B 133 9.17 4.36 2.95
C ASN B 133 8.31 3.90 1.78
N ARG B 134 8.60 2.68 1.30
CA ARG B 134 7.87 2.15 0.16
C ARG B 134 6.41 1.90 0.50
N TRP B 135 6.12 1.45 1.72
CA TRP B 135 4.77 1.15 2.15
C TRP B 135 4.10 2.32 2.84
N LEU B 136 4.81 3.43 3.05
CA LEU B 136 4.24 4.63 3.66
C LEU B 136 4.31 5.83 2.73
N ARG B 137 4.57 5.62 1.43
CA ARG B 137 4.64 6.70 0.46
C ARG B 137 3.28 7.12 -0.06
N THR B 138 2.21 6.62 0.54
CA THR B 138 0.86 7.00 0.18
C THR B 138 0.07 7.60 1.34
N ILE B 139 0.50 7.39 2.58
CA ILE B 139 -0.20 7.91 3.75
C ILE B 139 0.22 9.35 3.98
N SER B 140 -0.76 10.24 4.09
CA SER B 140 -0.47 11.61 4.47
C SER B 140 -0.13 11.68 5.95
N VAL B 141 0.68 12.67 6.31
CA VAL B 141 1.16 12.85 7.68
C VAL B 141 0.60 14.15 8.22
N ILE B 142 -0.05 14.06 9.38
CA ILE B 142 -0.49 15.22 10.13
C ILE B 142 0.60 15.50 11.16
N LEU B 143 1.33 16.59 10.99
CA LEU B 143 2.48 16.92 11.81
C LEU B 143 2.05 17.88 12.90
N PHE B 144 2.25 17.49 14.15
CA PHE B 144 1.92 18.31 15.31
C PHE B 144 3.20 18.77 15.98
N LEU B 145 3.54 20.04 15.79
CA LEU B 145 4.70 20.65 16.42
C LEU B 145 4.28 21.07 17.83
N ASN B 146 4.24 20.08 18.72
CA ASN B 146 3.75 20.26 20.07
C ASN B 146 4.71 21.11 20.90
N LYS B 147 4.24 21.49 22.08
CA LYS B 147 5.03 22.23 23.06
C LYS B 147 5.53 23.56 22.49
N GLN B 148 4.59 24.34 21.95
CA GLN B 148 4.93 25.66 21.42
C GLN B 148 5.21 26.66 22.54
N ASP B 149 4.58 26.47 23.70
CA ASP B 149 4.84 27.37 24.83
C ASP B 149 6.29 27.29 25.28
N LEU B 150 6.80 26.07 25.40
CA LEU B 150 8.20 25.89 25.79
C LEU B 150 9.15 26.45 24.72
N LEU B 151 8.80 26.28 23.44
CA LEU B 151 9.61 26.85 22.37
C LEU B 151 9.63 28.37 22.45
N ALA B 152 8.47 28.98 22.73
CA ALA B 152 8.42 30.42 22.89
C ALA B 152 9.27 30.89 24.07
N GLU B 153 9.20 30.15 25.18
CA GLU B 153 10.05 30.50 26.33
C GLU B 153 11.52 30.40 25.99
N LYS B 154 11.91 29.35 25.28
CA LYS B 154 13.32 29.20 24.89
C LYS B 154 13.76 30.32 23.97
N VAL B 155 12.92 30.69 23.00
CA VAL B 155 13.28 31.75 22.07
C VAL B 155 13.40 33.09 22.79
N LEU B 156 12.44 33.40 23.67
CA LEU B 156 12.48 34.67 24.39
C LEU B 156 13.65 34.74 25.35
N ALA B 157 13.98 33.62 25.99
CA ALA B 157 15.08 33.63 26.95
C ALA B 157 16.41 33.93 26.27
N GLY B 158 16.66 33.30 25.12
CA GLY B 158 17.88 33.54 24.37
C GLY B 158 19.08 32.72 24.81
N LYS B 159 18.96 31.94 25.89
CA LYS B 159 20.08 31.13 26.33
C LYS B 159 20.42 30.03 25.32
N SER B 160 19.40 29.42 24.72
CA SER B 160 19.58 28.40 23.70
C SER B 160 19.31 29.00 22.33
N LYS B 161 20.26 28.84 21.42
CA LYS B 161 20.19 29.43 20.08
C LYS B 161 19.89 28.33 19.06
N ILE B 162 18.86 28.56 18.24
CA ILE B 162 18.53 27.60 17.19
C ILE B 162 19.64 27.52 16.16
N GLU B 163 20.31 28.65 15.88
CA GLU B 163 21.41 28.64 14.91
C GLU B 163 22.56 27.76 15.35
N ASP B 164 22.66 27.46 16.65
CA ASP B 164 23.69 26.54 17.12
C ASP B 164 23.48 25.14 16.53
N TYR B 165 22.23 24.68 16.50
CA TYR B 165 21.92 23.37 15.95
C TYR B 165 21.58 23.41 14.47
N PHE B 166 21.01 24.52 14.00
CA PHE B 166 20.63 24.69 12.59
C PHE B 166 21.22 25.99 12.09
N PRO B 167 22.42 25.95 11.52
CA PRO B 167 23.07 27.20 11.07
C PRO B 167 22.27 27.97 10.04
N GLU B 168 21.54 27.28 9.16
CA GLU B 168 20.77 27.97 8.13
C GLU B 168 19.64 28.80 8.72
N PHE B 169 19.29 28.61 10.00
CA PHE B 169 18.34 29.49 10.64
C PHE B 169 18.86 30.92 10.69
N ALA B 170 20.18 31.10 10.71
CA ALA B 170 20.75 32.44 10.65
C ALA B 170 20.49 33.12 9.31
N ARG B 171 20.07 32.35 8.30
CA ARG B 171 19.73 32.89 6.98
C ARG B 171 18.26 32.74 6.66
N TYR B 172 17.41 32.58 7.68
CA TYR B 172 15.99 32.31 7.49
C TYR B 172 15.18 33.57 7.81
N THR B 173 14.24 33.89 6.93
CA THR B 173 13.31 34.99 7.13
C THR B 173 11.90 34.41 7.19
N THR B 174 11.06 35.03 8.02
CA THR B 174 9.70 34.52 8.22
C THR B 174 8.93 34.55 6.92
N PRO B 175 8.27 33.46 6.54
CA PRO B 175 7.54 33.44 5.26
C PRO B 175 6.42 34.46 5.24
N GLU B 176 6.10 34.94 4.03
CA GLU B 176 5.06 35.95 3.88
C GLU B 176 3.67 35.41 4.15
N ASP B 177 3.48 34.09 4.08
CA ASP B 177 2.19 33.48 4.38
C ASP B 177 2.04 33.09 5.84
N ALA B 178 3.01 33.45 6.68
CA ALA B 178 2.92 33.15 8.10
C ALA B 178 1.75 33.89 8.74
N THR B 179 1.12 33.23 9.71
CA THR B 179 -0.01 33.80 10.45
C THR B 179 0.31 33.71 11.93
N PRO B 180 1.13 34.61 12.45
CA PRO B 180 1.48 34.58 13.87
C PRO B 180 0.29 34.92 14.75
N GLU B 181 0.33 34.39 15.96
CA GLU B 181 -0.68 34.75 16.96
C GLU B 181 -0.56 36.23 17.30
N PRO B 182 -1.67 36.93 17.52
CA PRO B 182 -1.58 38.33 17.93
C PRO B 182 -0.80 38.49 19.23
N GLY B 183 0.00 39.55 19.30
CA GLY B 183 0.85 39.78 20.46
C GLY B 183 1.95 38.76 20.62
N GLU B 184 2.63 38.40 19.54
CA GLU B 184 3.70 37.41 19.56
C GLU B 184 4.99 38.03 19.06
N ASP B 185 6.09 37.70 19.72
CA ASP B 185 7.41 38.17 19.30
C ASP B 185 7.75 37.58 17.94
N PRO B 186 8.20 38.38 16.97
CA PRO B 186 8.53 37.83 15.64
C PRO B 186 9.62 36.77 15.66
N ARG B 187 10.50 36.77 16.67
CA ARG B 187 11.51 35.73 16.77
C ARG B 187 10.87 34.36 16.99
N VAL B 188 9.83 34.30 17.84
CA VAL B 188 9.14 33.04 18.08
C VAL B 188 8.46 32.54 16.81
N THR B 189 7.81 33.46 16.09
CA THR B 189 7.19 33.08 14.82
C THR B 189 8.23 32.60 13.82
N ARG B 190 9.37 33.26 13.78
CA ARG B 190 10.45 32.84 12.89
C ARG B 190 10.91 31.43 13.24
N ALA B 191 11.08 31.13 14.53
CA ALA B 191 11.51 29.80 14.93
C ALA B 191 10.46 28.75 14.58
N LYS B 192 9.19 29.03 14.89
CA LYS B 192 8.10 28.10 14.57
C LYS B 192 8.09 27.76 13.10
N TYR B 193 8.09 28.80 12.25
CA TYR B 193 7.99 28.56 10.82
C TYR B 193 9.28 28.01 10.25
N PHE B 194 10.42 28.23 10.91
CA PHE B 194 11.65 27.58 10.48
C PHE B 194 11.56 26.07 10.68
N ILE B 195 11.10 25.63 11.85
CA ILE B 195 10.96 24.20 12.10
C ILE B 195 9.92 23.61 11.17
N ARG B 196 8.80 24.31 10.99
CA ARG B 196 7.75 23.83 10.09
C ARG B 196 8.27 23.72 8.65
N ASP B 197 9.07 24.69 8.20
CA ASP B 197 9.62 24.64 6.86
C ASP B 197 10.66 23.54 6.72
N GLU B 198 11.42 23.26 7.79
CA GLU B 198 12.34 22.13 7.75
C GLU B 198 11.59 20.83 7.53
N PHE B 199 10.45 20.65 8.21
CA PHE B 199 9.67 19.44 7.97
C PHE B 199 9.01 19.44 6.59
N LEU B 200 8.51 20.60 6.15
CA LEU B 200 7.83 20.68 4.86
C LEU B 200 8.79 20.50 3.70
N ARG B 201 10.07 20.81 3.89
CA ARG B 201 11.06 20.56 2.84
C ARG B 201 11.19 19.06 2.57
N ILE B 202 11.24 18.26 3.63
CA ILE B 202 11.22 16.81 3.46
C ILE B 202 9.89 16.37 2.89
N SER B 203 8.80 17.02 3.31
CA SER B 203 7.48 16.64 2.83
C SER B 203 7.35 16.82 1.31
N THR B 204 7.84 17.94 0.78
CA THR B 204 7.67 18.28 -0.62
C THR B 204 8.84 17.85 -1.49
N ALA B 205 9.95 17.40 -0.91
CA ALA B 205 11.09 16.99 -1.73
C ALA B 205 10.76 15.77 -2.56
N SER B 206 10.05 14.80 -1.99
CA SER B 206 9.69 13.57 -2.70
C SER B 206 8.23 13.20 -2.47
N GLY B 207 7.37 14.19 -2.34
CA GLY B 207 5.96 13.91 -2.10
C GLY B 207 5.28 13.23 -3.27
N ASP B 208 5.63 13.66 -4.49
CA ASP B 208 5.06 13.18 -5.76
C ASP B 208 3.59 13.55 -5.92
N GLY B 209 3.01 14.29 -4.96
CA GLY B 209 1.60 14.63 -5.02
C GLY B 209 0.67 13.57 -4.51
N ARG B 210 1.17 12.36 -4.23
CA ARG B 210 0.31 11.28 -3.77
C ARG B 210 -0.06 11.44 -2.31
N HIS B 211 0.81 12.02 -1.49
CA HIS B 211 0.52 12.30 -0.10
C HIS B 211 1.10 13.66 0.26
N TYR B 212 0.56 14.25 1.32
CA TYR B 212 0.93 15.59 1.73
C TYR B 212 1.08 15.62 3.25
N CYS B 213 1.76 16.66 3.74
CA CYS B 213 1.94 16.87 5.16
C CYS B 213 1.10 18.07 5.61
N TYR B 214 0.51 17.95 6.79
CA TYR B 214 -0.40 18.95 7.34
C TYR B 214 0.14 19.44 8.67
N PRO B 215 1.04 20.42 8.67
CA PRO B 215 1.63 20.88 9.92
C PRO B 215 0.65 21.68 10.76
N HIS B 216 0.79 21.56 12.08
CA HIS B 216 -0.02 22.31 13.02
C HIS B 216 0.83 22.72 14.21
N PHE B 217 0.59 23.94 14.71
CA PHE B 217 1.25 24.43 15.91
C PHE B 217 0.32 24.20 17.08
N THR B 218 0.65 23.22 17.91
CA THR B 218 -0.18 22.85 19.05
C THR B 218 0.62 22.92 20.33
N CYS B 219 -0.07 23.12 21.44
CA CYS B 219 0.54 23.20 22.75
C CYS B 219 -0.13 22.18 23.69
N ALA B 220 0.33 22.16 24.93
CA ALA B 220 -0.20 21.20 25.90
C ALA B 220 -1.66 21.47 26.23
N VAL B 221 -2.03 22.75 26.39
CA VAL B 221 -3.38 23.11 26.80
C VAL B 221 -4.34 23.24 25.61
N ASP B 222 -3.89 22.97 24.40
CA ASP B 222 -4.76 23.06 23.24
C ASP B 222 -5.88 22.04 23.35
N THR B 223 -7.11 22.47 23.05
CA THR B 223 -8.29 21.63 23.19
C THR B 223 -9.08 21.53 21.88
N GLU B 224 -8.38 21.61 20.75
CA GLU B 224 -9.05 21.51 19.45
C GLU B 224 -8.26 20.67 18.44
N ASN B 225 -7.39 19.77 18.91
CA ASN B 225 -6.64 18.94 17.98
C ASN B 225 -7.51 17.93 17.26
N ALA B 226 -8.61 17.49 17.90
CA ALA B 226 -9.50 16.54 17.26
C ALA B 226 -10.13 17.14 16.00
N ARG B 227 -10.52 18.41 16.06
CA ARG B 227 -11.07 19.07 14.89
C ARG B 227 -10.03 19.19 13.79
N ARG B 228 -8.77 19.48 14.15
CA ARG B 228 -7.71 19.55 13.14
C ARG B 228 -7.51 18.20 12.47
N ILE B 229 -7.48 17.12 13.26
CA ILE B 229 -7.35 15.79 12.68
C ILE B 229 -8.54 15.47 11.78
N PHE B 230 -9.75 15.88 12.21
CA PHE B 230 -10.94 15.62 11.40
C PHE B 230 -10.87 16.35 10.06
N ASN B 231 -10.53 17.64 10.08
CA ASN B 231 -10.45 18.40 8.84
C ASN B 231 -9.36 17.85 7.93
N ASP B 232 -8.20 17.51 8.49
CA ASP B 232 -7.11 16.96 7.70
C ASP B 232 -7.50 15.62 7.08
N CYS B 233 -8.18 14.77 7.84
CA CYS B 233 -8.62 13.48 7.30
C CYS B 233 -9.68 13.67 6.23
N ARG B 234 -10.58 14.65 6.41
CA ARG B 234 -11.57 14.93 5.37
C ARG B 234 -10.90 15.40 4.09
N ASP B 235 -9.88 16.25 4.22
CA ASP B 235 -9.11 16.68 3.04
C ASP B 235 -8.41 15.50 2.38
N ILE B 236 -7.83 14.60 3.19
CA ILE B 236 -7.16 13.42 2.64
C ILE B 236 -8.15 12.56 1.88
N ILE B 237 -9.34 12.35 2.45
CA ILE B 237 -10.34 11.51 1.80
C ILE B 237 -10.86 12.16 0.53
N GLN B 238 -11.05 13.49 0.55
CA GLN B 238 -11.47 14.19 -0.66
C GLN B 238 -10.43 14.05 -1.77
N ARG B 239 -9.15 14.21 -1.42
CA ARG B 239 -8.10 14.05 -2.43
C ARG B 239 -8.04 12.61 -2.92
N MET B 240 -8.25 11.65 -2.04
CA MET B 240 -8.29 10.25 -2.45
C MET B 240 -9.43 9.98 -3.41
N HIS B 241 -10.61 10.53 -3.13
CA HIS B 241 -11.75 10.37 -4.03
C HIS B 241 -11.48 11.02 -5.37
N LEU B 242 -10.89 12.22 -5.36
CA LEU B 242 -10.52 12.88 -6.62
C LEU B 242 -9.55 12.01 -7.42
N ARG B 243 -8.60 11.37 -6.73
CA ARG B 243 -7.60 10.56 -7.43
C ARG B 243 -8.23 9.29 -8.00
N GLN B 244 -9.05 8.59 -7.23
CA GLN B 244 -9.61 7.32 -7.70
C GLN B 244 -10.71 7.55 -8.72
N TYR B 245 -11.77 8.27 -8.34
CA TYR B 245 -12.90 8.44 -9.23
C TYR B 245 -12.67 9.59 -10.22
N GLU B 246 -11.54 9.56 -10.91
CA GLU B 246 -11.35 10.45 -12.05
C GLU B 246 -12.21 10.01 -13.22
N LEU B 247 -12.23 8.71 -13.50
CA LEU B 247 -13.20 8.12 -14.42
C LEU B 247 -14.32 7.54 -13.58
N LEU B 248 -15.55 7.98 -13.86
CA LEU B 248 -16.63 7.77 -12.93
C LEU B 248 -17.77 6.94 -13.52
N GLU C 20 39.41 -7.67 29.59
CA GLU C 20 38.80 -8.93 29.18
C GLU C 20 37.89 -8.76 27.97
N LEU C 21 37.34 -7.56 27.77
CA LEU C 21 36.47 -7.32 26.62
C LEU C 21 37.24 -7.45 25.31
N ASP C 22 38.45 -6.86 25.26
CA ASP C 22 39.26 -6.96 24.05
C ASP C 22 39.70 -8.41 23.79
N GLN C 23 40.06 -9.13 24.85
CA GLN C 23 40.43 -10.53 24.69
C GLN C 23 39.27 -11.36 24.17
N LEU C 24 38.07 -11.11 24.69
CA LEU C 24 36.90 -11.84 24.22
C LEU C 24 36.57 -11.49 22.77
N ARG C 25 36.72 -10.22 22.39
CA ARG C 25 36.50 -9.84 21.01
C ARG C 25 37.49 -10.52 20.07
N GLN C 26 38.77 -10.56 20.47
CA GLN C 26 39.77 -11.24 19.66
C GLN C 26 39.48 -12.73 19.55
N GLU C 27 39.07 -13.36 20.65
CA GLU C 27 38.73 -14.78 20.64
C GLU C 27 37.54 -15.04 19.72
N ALA C 28 36.52 -14.17 19.78
CA ALA C 28 35.36 -14.34 18.91
C ALA C 28 35.75 -14.17 17.44
N GLU C 29 36.61 -13.20 17.15
CA GLU C 29 37.05 -13.00 15.77
C GLU C 29 37.84 -14.21 15.27
N GLN C 30 38.72 -14.76 16.11
CA GLN C 30 39.48 -15.95 15.72
C GLN C 30 38.56 -17.14 15.50
N LEU C 31 37.57 -17.32 16.38
CA LEU C 31 36.61 -18.40 16.21
C LEU C 31 35.83 -18.26 14.91
N LYS C 32 35.39 -17.04 14.60
CA LYS C 32 34.69 -16.81 13.35
C LYS C 32 35.58 -17.10 12.16
N ASN C 33 36.84 -16.67 12.22
CA ASN C 33 37.77 -16.92 11.11
C ASN C 33 37.99 -18.41 10.89
N GLN C 34 38.16 -19.17 11.97
CA GLN C 34 38.43 -20.60 11.80
C GLN C 34 37.16 -21.36 11.41
N ILE C 35 35.99 -20.90 11.85
CA ILE C 35 34.74 -21.48 11.35
C ILE C 35 34.61 -21.23 9.86
N ARG C 36 34.93 -20.01 9.41
CA ARG C 36 34.88 -19.70 7.99
C ARG C 36 35.85 -20.57 7.20
N ASP C 37 37.06 -20.77 7.73
CA ASP C 37 38.03 -21.61 7.06
C ASP C 37 37.56 -23.06 6.97
N ALA C 38 36.97 -23.57 8.05
CA ALA C 38 36.44 -24.93 8.03
C ALA C 38 35.31 -25.07 7.02
N ARG C 39 34.41 -24.09 6.97
CA ARG C 39 33.31 -24.13 6.01
C ARG C 39 33.84 -24.07 4.58
N LYS C 40 34.86 -23.26 4.33
CA LYS C 40 35.46 -23.21 3.00
C LYS C 40 36.12 -24.53 2.65
N ALA C 41 36.77 -25.16 3.63
CA ALA C 41 37.37 -26.47 3.39
C ALA C 41 36.31 -27.51 3.04
N CYS C 42 35.17 -27.47 3.72
CA CYS C 42 34.07 -28.37 3.38
C CYS C 42 33.47 -28.06 2.01
N ALA C 43 33.68 -26.85 1.49
CA ALA C 43 33.12 -26.45 0.20
C ALA C 43 33.99 -26.97 -0.94
N ASP C 44 34.03 -28.29 -1.06
CA ASP C 44 34.81 -28.93 -2.12
C ASP C 44 34.24 -28.59 -3.50
N ALA C 45 32.92 -28.58 -3.63
CA ALA C 45 32.27 -28.26 -4.89
C ALA C 45 30.97 -27.54 -4.61
N THR C 46 30.49 -26.81 -5.61
CA THR C 46 29.25 -26.05 -5.47
C THR C 46 28.05 -26.93 -5.83
N LEU C 47 26.90 -26.60 -5.23
CA LEU C 47 25.67 -27.32 -5.54
C LEU C 47 25.27 -27.15 -7.00
N SER C 48 25.47 -25.94 -7.54
CA SER C 48 25.10 -25.68 -8.93
C SER C 48 25.90 -26.54 -9.89
N GLN C 49 27.20 -26.70 -9.64
CA GLN C 49 28.03 -27.52 -10.51
C GLN C 49 27.58 -28.97 -10.50
N ILE C 50 27.27 -29.51 -9.32
CA ILE C 50 26.82 -30.89 -9.22
C ILE C 50 25.45 -31.08 -9.87
N THR C 51 24.58 -30.08 -9.76
CA THR C 51 23.25 -30.17 -10.34
C THR C 51 23.19 -29.73 -11.79
N ASN C 52 24.32 -29.30 -12.38
CA ASN C 52 24.31 -28.87 -13.76
C ASN C 52 23.97 -30.00 -14.72
N ASN C 53 24.32 -31.24 -14.37
CA ASN C 53 24.11 -32.36 -15.28
C ASN C 53 22.62 -32.63 -15.50
N ILE C 54 21.82 -32.56 -14.44
CA ILE C 54 20.40 -32.90 -14.55
C ILE C 54 19.67 -31.86 -15.40
N ASP C 55 18.66 -32.32 -16.15
CA ASP C 55 17.90 -31.45 -17.03
C ASP C 55 16.95 -30.57 -16.23
N PRO C 56 16.71 -29.35 -16.70
CA PRO C 56 15.80 -28.44 -15.99
C PRO C 56 14.35 -28.90 -16.09
N VAL C 57 13.54 -28.42 -15.13
CA VAL C 57 12.14 -28.77 -15.09
C VAL C 57 11.34 -28.04 -16.16
N GLY C 58 11.88 -26.97 -16.71
CA GLY C 58 11.15 -26.19 -17.70
C GLY C 58 10.11 -25.29 -17.04
N ARG C 59 9.31 -24.66 -17.90
CA ARG C 59 8.30 -23.72 -17.41
C ARG C 59 7.23 -24.46 -16.62
N ILE C 60 6.78 -23.83 -15.53
CA ILE C 60 5.76 -24.38 -14.65
C ILE C 60 4.50 -23.54 -14.84
N GLN C 61 3.40 -24.19 -15.19
CA GLN C 61 2.13 -23.51 -15.40
C GLN C 61 1.24 -23.71 -14.16
N MET C 62 0.80 -22.60 -13.58
CA MET C 62 -0.04 -22.61 -12.39
C MET C 62 -1.12 -21.55 -12.55
N ARG C 63 -2.30 -21.89 -12.07
CA ARG C 63 -3.40 -21.00 -12.27
C ARG C 63 -4.36 -20.91 -11.13
N THR C 64 -5.08 -19.83 -11.07
CA THR C 64 -5.91 -19.54 -9.89
C THR C 64 -7.17 -20.40 -9.95
N ARG C 65 -7.14 -21.54 -9.28
CA ARG C 65 -8.34 -22.38 -9.21
C ARG C 65 -9.41 -21.72 -8.36
N ARG C 66 -9.04 -21.23 -7.18
CA ARG C 66 -9.97 -20.60 -6.25
C ARG C 66 -9.44 -19.23 -5.86
N THR C 67 -10.34 -18.26 -5.76
CA THR C 67 -10.01 -16.92 -5.30
C THR C 67 -10.82 -16.69 -4.02
N LEU C 68 -10.28 -17.14 -2.90
CA LEU C 68 -10.95 -17.00 -1.62
C LEU C 68 -10.97 -15.53 -1.22
N ARG C 69 -12.16 -14.93 -1.24
CA ARG C 69 -12.30 -13.50 -0.96
C ARG C 69 -13.32 -13.31 0.16
N GLY C 70 -13.16 -12.20 0.87
CA GLY C 70 -13.99 -11.91 2.03
C GLY C 70 -13.21 -11.20 3.12
N HIS C 71 -11.88 -11.29 3.07
CA HIS C 71 -11.06 -10.53 3.98
C HIS C 71 -11.17 -9.05 3.67
N LEU C 72 -11.30 -8.23 4.71
CA LEU C 72 -11.52 -6.80 4.54
C LEU C 72 -10.25 -6.00 4.43
N ALA C 73 -9.11 -6.55 4.83
CA ALA C 73 -7.85 -5.84 4.80
C ALA C 73 -6.74 -6.79 4.39
N LYS C 74 -5.50 -6.36 4.55
CA LYS C 74 -4.35 -7.16 4.15
C LYS C 74 -4.29 -8.44 4.96
N ILE C 75 -3.84 -9.51 4.30
CA ILE C 75 -3.56 -10.78 4.96
C ILE C 75 -2.06 -10.86 5.21
N TYR C 76 -1.68 -11.17 6.45
CA TYR C 76 -0.26 -11.41 6.72
C TYR C 76 0.13 -12.87 6.77
N ALA C 77 -0.69 -13.73 7.35
CA ALA C 77 -0.29 -15.12 7.51
C ALA C 77 -1.44 -16.04 7.12
N MET C 78 -1.06 -17.18 6.55
CA MET C 78 -1.98 -18.28 6.36
C MET C 78 -1.26 -19.57 6.74
N HIS C 79 -2.04 -20.64 6.92
CA HIS C 79 -1.45 -21.93 7.23
C HIS C 79 -2.36 -23.04 6.75
N TRP C 80 -1.84 -23.90 5.88
CA TRP C 80 -2.57 -25.08 5.44
C TRP C 80 -2.69 -26.09 6.58
N GLY C 81 -3.84 -26.75 6.63
CA GLY C 81 -3.99 -27.85 7.55
C GLY C 81 -3.31 -29.11 7.09
N THR C 82 -3.07 -30.03 8.03
CA THR C 82 -2.52 -31.33 7.67
C THR C 82 -3.47 -32.13 6.80
N ASP C 83 -4.77 -31.85 6.87
CA ASP C 83 -5.75 -32.47 5.99
C ASP C 83 -5.65 -31.97 4.56
N SER C 84 -4.87 -30.92 4.31
CA SER C 84 -4.61 -30.36 2.99
C SER C 84 -5.85 -29.78 2.33
N ARG C 85 -6.92 -29.57 3.08
CA ARG C 85 -8.15 -29.01 2.54
C ARG C 85 -8.55 -27.71 3.19
N LEU C 86 -8.46 -27.61 4.52
CA LEU C 86 -8.81 -26.41 5.26
C LEU C 86 -7.58 -25.54 5.46
N LEU C 87 -7.77 -24.23 5.40
CA LEU C 87 -6.69 -23.30 5.69
C LEU C 87 -7.22 -22.18 6.57
N VAL C 88 -6.33 -21.46 7.23
CA VAL C 88 -6.67 -20.33 8.08
C VAL C 88 -5.83 -19.14 7.66
N SER C 89 -6.45 -17.96 7.59
CA SER C 89 -5.77 -16.75 7.18
C SER C 89 -6.05 -15.65 8.18
N ALA C 90 -5.05 -14.80 8.41
CA ALA C 90 -5.14 -13.69 9.35
C ALA C 90 -5.05 -12.37 8.61
N SER C 91 -5.99 -11.48 8.90
CA SER C 91 -6.08 -10.20 8.19
C SER C 91 -6.03 -9.04 9.18
N GLN C 92 -5.53 -7.90 8.70
CA GLN C 92 -5.37 -6.70 9.52
C GLN C 92 -6.68 -6.14 10.01
N ASP C 93 -7.80 -6.55 9.42
CA ASP C 93 -9.12 -6.14 9.90
C ASP C 93 -9.50 -6.80 11.22
N GLY C 94 -8.58 -7.53 11.85
CA GLY C 94 -8.89 -8.22 13.07
C GLY C 94 -9.68 -9.49 12.89
N LYS C 95 -9.50 -10.18 11.78
CA LYS C 95 -10.30 -11.36 11.46
C LYS C 95 -9.40 -12.52 11.11
N LEU C 96 -9.77 -13.70 11.62
CA LEU C 96 -9.08 -14.95 11.35
C LEU C 96 -10.08 -15.87 10.66
N ILE C 97 -9.97 -16.02 9.34
CA ILE C 97 -10.96 -16.76 8.57
C ILE C 97 -10.41 -18.13 8.22
N ILE C 98 -11.16 -19.16 8.56
CA ILE C 98 -10.82 -20.54 8.23
C ILE C 98 -11.67 -20.92 7.02
N TRP C 99 -11.02 -21.06 5.88
CA TRP C 99 -11.64 -21.41 4.61
C TRP C 99 -11.55 -22.90 4.35
N ASP C 100 -12.55 -23.41 3.64
CA ASP C 100 -12.48 -24.70 2.97
C ASP C 100 -12.09 -24.41 1.52
N SER C 101 -10.85 -24.76 1.17
CA SER C 101 -10.30 -24.37 -0.13
C SER C 101 -11.10 -24.98 -1.28
N TYR C 102 -11.57 -26.22 -1.11
CA TYR C 102 -12.27 -26.90 -2.19
C TYR C 102 -13.54 -26.17 -2.58
N THR C 103 -14.40 -25.87 -1.60
CA THR C 103 -15.71 -25.29 -1.86
C THR C 103 -15.75 -23.78 -1.71
N THR C 104 -14.63 -23.16 -1.36
CA THR C 104 -14.55 -21.70 -1.14
C THR C 104 -15.57 -21.22 -0.12
N ASN C 105 -15.89 -22.05 0.87
CA ASN C 105 -16.85 -21.72 1.91
C ASN C 105 -16.10 -21.42 3.20
N LYS C 106 -16.30 -20.24 3.76
CA LYS C 106 -15.62 -19.84 4.99
C LYS C 106 -16.20 -20.66 6.14
N VAL C 107 -15.47 -21.70 6.54
CA VAL C 107 -15.92 -22.55 7.64
C VAL C 107 -16.02 -21.76 8.93
N HIS C 108 -15.02 -20.92 9.21
CA HIS C 108 -14.99 -20.15 10.44
C HIS C 108 -14.55 -18.72 10.16
N ALA C 109 -14.96 -17.81 11.04
CA ALA C 109 -14.52 -16.42 10.98
C ALA C 109 -14.45 -15.92 12.42
N ILE C 110 -13.24 -15.93 12.98
CA ILE C 110 -13.01 -15.60 14.38
C ILE C 110 -12.65 -14.12 14.48
N PRO C 111 -13.41 -13.32 15.22
CA PRO C 111 -12.96 -11.96 15.53
C PRO C 111 -11.79 -12.00 16.50
N LEU C 112 -10.90 -11.02 16.39
CA LEU C 112 -9.72 -10.93 17.22
C LEU C 112 -9.78 -9.69 18.09
N ARG C 113 -9.27 -9.83 19.33
CA ARG C 113 -9.23 -8.69 20.23
CA ARG C 113 -9.23 -8.69 20.23
C ARG C 113 -8.34 -7.58 19.69
N SER C 114 -7.19 -7.95 19.11
CA SER C 114 -6.26 -7.01 18.52
C SER C 114 -6.36 -7.11 17.01
N SER C 115 -6.66 -5.98 16.36
CA SER C 115 -6.81 -5.97 14.91
C SER C 115 -5.49 -6.25 14.21
N TRP C 116 -4.37 -5.92 14.85
CA TRP C 116 -3.05 -6.03 14.21
C TRP C 116 -2.51 -7.43 14.45
N VAL C 117 -2.82 -8.33 13.52
CA VAL C 117 -2.37 -9.72 13.57
C VAL C 117 -1.39 -9.97 12.43
N MET C 118 -0.22 -10.48 12.77
CA MET C 118 0.83 -10.73 11.80
C MET C 118 1.18 -12.20 11.67
N THR C 119 0.55 -13.07 12.44
CA THR C 119 0.84 -14.50 12.36
C THR C 119 -0.43 -15.30 12.62
N CYS C 120 -0.48 -16.50 12.05
CA CYS C 120 -1.55 -17.44 12.31
C CYS C 120 -1.02 -18.84 12.04
N ALA C 121 -1.45 -19.79 12.86
CA ALA C 121 -1.05 -21.18 12.73
C ALA C 121 -2.27 -22.07 12.92
N TYR C 122 -2.22 -23.25 12.32
CA TYR C 122 -3.31 -24.21 12.41
C TYR C 122 -2.72 -25.52 12.94
N ALA C 123 -3.27 -26.00 14.04
CA ALA C 123 -2.66 -27.13 14.73
C ALA C 123 -2.69 -28.38 13.87
N PRO C 124 -1.69 -29.26 14.01
CA PRO C 124 -1.72 -30.52 13.25
C PRO C 124 -2.94 -31.37 13.52
N SER C 125 -3.45 -31.37 14.74
CA SER C 125 -4.68 -32.07 15.05
C SER C 125 -5.89 -31.40 14.42
N GLY C 126 -5.78 -30.13 14.06
CA GLY C 126 -6.89 -29.39 13.50
C GLY C 126 -7.88 -28.84 14.50
N ASN C 127 -7.65 -29.04 15.78
CA ASN C 127 -8.58 -28.59 16.81
C ASN C 127 -8.29 -27.18 17.31
N TYR C 128 -7.13 -26.62 17.03
CA TYR C 128 -6.73 -25.32 17.54
C TYR C 128 -6.16 -24.46 16.43
N VAL C 129 -6.26 -23.14 16.61
CA VAL C 129 -5.57 -22.19 15.76
C VAL C 129 -4.84 -21.19 16.64
N ALA C 130 -3.83 -20.55 16.06
CA ALA C 130 -3.00 -19.58 16.79
C ALA C 130 -3.11 -18.22 16.12
N CYS C 131 -3.01 -17.18 16.94
CA CYS C 131 -3.08 -15.81 16.49
C CYS C 131 -2.07 -14.98 17.28
N GLY C 132 -1.56 -13.92 16.67
CA GLY C 132 -0.62 -13.07 17.36
C GLY C 132 -0.19 -11.93 16.47
N GLY C 133 0.47 -10.96 17.10
CA GLY C 133 0.93 -9.78 16.39
C GLY C 133 1.42 -8.69 17.31
N LEU C 134 0.97 -7.46 17.08
CA LEU C 134 1.43 -6.33 17.88
C LEU C 134 0.93 -6.38 19.32
N ASP C 135 -0.04 -7.24 19.63
CA ASP C 135 -0.55 -7.35 20.99
C ASP C 135 0.41 -8.05 21.94
N ASN C 136 1.49 -8.63 21.42
CA ASN C 136 2.53 -9.32 22.17
C ASN C 136 2.03 -10.63 22.79
N ILE C 137 0.83 -11.07 22.45
CA ILE C 137 0.18 -12.22 23.08
C ILE C 137 -0.17 -13.23 22.00
N CYS C 138 0.11 -14.50 22.27
CA CYS C 138 -0.27 -15.60 21.39
C CYS C 138 -1.60 -16.14 21.86
N SER C 139 -2.66 -15.89 21.08
CA SER C 139 -4.00 -16.33 21.42
C SER C 139 -4.26 -17.67 20.74
N ILE C 140 -4.47 -18.71 21.54
CA ILE C 140 -4.84 -20.03 21.04
C ILE C 140 -6.36 -20.12 21.11
N TYR C 141 -6.99 -20.39 19.97
CA TYR C 141 -8.43 -20.54 19.85
C TYR C 141 -8.76 -22.02 19.66
N ASN C 142 -9.73 -22.49 20.42
CA ASN C 142 -10.18 -23.88 20.33
C ASN C 142 -11.32 -23.96 19.32
N LEU C 143 -11.08 -24.67 18.22
CA LEU C 143 -12.11 -24.81 17.20
C LEU C 143 -13.18 -25.82 17.60
N LYS C 144 -12.80 -26.89 18.28
CA LYS C 144 -13.72 -27.97 18.62
C LYS C 144 -14.29 -27.69 20.01
N THR C 145 -15.30 -26.83 20.05
CA THR C 145 -15.97 -26.46 21.28
C THR C 145 -17.37 -27.07 21.32
N ARG C 146 -17.74 -27.59 22.50
CA ARG C 146 -19.06 -28.17 22.66
C ARG C 146 -20.16 -27.13 22.47
N GLU C 147 -19.93 -25.91 22.95
CA GLU C 147 -20.94 -24.85 22.90
C GLU C 147 -20.89 -24.09 21.57
N GLY C 148 -20.96 -24.83 20.46
CA GLY C 148 -21.09 -24.21 19.16
C GLY C 148 -19.88 -23.44 18.66
N ASN C 149 -19.99 -22.12 18.66
CA ASN C 149 -18.98 -21.26 18.04
C ASN C 149 -17.64 -21.36 18.77
N VAL C 150 -16.61 -20.84 18.12
CA VAL C 150 -15.25 -20.88 18.66
C VAL C 150 -15.13 -19.90 19.82
N ARG C 151 -14.19 -20.18 20.71
CA ARG C 151 -13.94 -19.35 21.88
C ARG C 151 -12.43 -19.22 22.07
N VAL C 152 -12.01 -18.12 22.67
CA VAL C 152 -10.60 -17.91 22.94
C VAL C 152 -10.18 -18.93 23.99
N SER C 153 -9.46 -19.97 23.57
CA SER C 153 -9.06 -21.02 24.50
C SER C 153 -8.12 -20.45 25.56
N ARG C 154 -6.95 -19.98 25.15
CA ARG C 154 -5.97 -19.46 26.10
C ARG C 154 -5.18 -18.32 25.47
N GLU C 155 -4.51 -17.55 26.33
CA GLU C 155 -3.61 -16.48 25.91
C GLU C 155 -2.25 -16.69 26.54
N LEU C 156 -1.21 -16.58 25.72
CA LEU C 156 0.17 -16.76 26.16
C LEU C 156 0.88 -15.42 26.11
N ALA C 157 1.32 -14.92 27.26
CA ALA C 157 2.01 -13.66 27.35
C ALA C 157 3.38 -13.88 28.00
N GLY C 158 4.29 -12.96 27.73
CA GLY C 158 5.65 -13.09 28.21
C GLY C 158 6.67 -12.60 27.21
N HIS C 159 6.21 -12.29 26.02
CA HIS C 159 7.07 -11.80 24.98
C HIS C 159 6.91 -10.34 25.05
N THR C 160 7.97 -9.62 24.79
CA THR C 160 7.97 -8.20 24.91
C THR C 160 8.12 -7.50 23.57
N GLY C 161 7.84 -8.18 22.48
CA GLY C 161 7.95 -7.61 21.19
C GLY C 161 6.84 -8.30 20.48
N ARG C 162 6.41 -7.79 19.37
CA ARG C 162 5.37 -8.38 18.60
C ARG C 162 5.64 -9.79 18.34
N LEU C 163 4.63 -10.57 18.00
CA LEU C 163 4.79 -11.93 17.64
C LEU C 163 4.78 -11.99 16.18
N SER C 164 5.81 -12.53 15.60
CA SER C 164 5.93 -12.54 14.15
C SER C 164 5.52 -13.86 13.50
N CYS C 165 5.69 -14.98 14.19
CA CYS C 165 5.29 -16.27 13.61
C CYS C 165 5.03 -17.26 14.72
N CYS C 166 4.09 -18.17 14.47
CA CYS C 166 3.67 -19.19 15.42
C CYS C 166 3.61 -20.54 14.73
N ARG C 167 4.05 -21.58 15.44
CA ARG C 167 4.03 -22.93 14.90
C ARG C 167 3.74 -23.92 16.02
N PHE C 168 2.77 -24.81 15.79
CA PHE C 168 2.39 -25.80 16.79
C PHE C 168 3.33 -26.99 16.73
N LEU C 169 3.97 -27.32 17.86
CA LEU C 169 4.61 -28.62 17.98
C LEU C 169 3.57 -29.73 18.08
N ASP C 170 2.58 -29.53 18.94
CA ASP C 170 1.44 -30.41 19.09
C ASP C 170 0.30 -29.60 19.71
N ASP C 171 -0.71 -30.29 20.20
CA ASP C 171 -1.86 -29.59 20.78
C ASP C 171 -1.52 -28.86 22.06
N ASN C 172 -0.39 -29.15 22.69
CA ASN C 172 -0.02 -28.54 23.95
CA ASN C 172 -0.01 -28.54 23.96
C ASN C 172 1.22 -27.67 23.90
N GLN C 173 2.09 -27.86 22.92
CA GLN C 173 3.32 -27.09 22.81
C GLN C 173 3.30 -26.24 21.54
N ILE C 174 3.65 -24.97 21.68
CA ILE C 174 3.71 -24.05 20.54
C ILE C 174 4.99 -23.23 20.63
N VAL C 175 5.68 -23.09 19.51
CA VAL C 175 6.91 -22.32 19.45
C VAL C 175 6.62 -21.04 18.67
N THR C 176 6.88 -19.90 19.31
CA THR C 176 6.53 -18.58 18.78
C THR C 176 7.77 -17.70 18.72
N SER C 177 7.97 -17.06 17.57
CA SER C 177 9.07 -16.13 17.39
C SER C 177 8.57 -14.70 17.58
N SER C 178 9.40 -13.86 18.19
CA SER C 178 8.97 -12.52 18.55
C SER C 178 9.98 -11.48 18.10
N GLY C 179 9.51 -10.23 18.02
CA GLY C 179 10.34 -9.13 17.62
C GLY C 179 11.15 -8.56 18.76
N ASP C 180 11.22 -9.30 19.87
CA ASP C 180 12.12 -8.98 20.97
C ASP C 180 13.39 -9.81 20.89
N THR C 181 13.74 -10.26 19.67
CA THR C 181 14.95 -11.03 19.40
C THR C 181 14.98 -12.36 20.13
N THR C 182 13.81 -12.96 20.36
CA THR C 182 13.72 -14.23 21.06
C THR C 182 12.69 -15.13 20.40
N CYS C 183 12.78 -16.41 20.77
CA CYS C 183 11.75 -17.40 20.49
C CYS C 183 11.34 -18.04 21.80
N ALA C 184 10.15 -18.62 21.82
CA ALA C 184 9.62 -19.17 23.06
C ALA C 184 8.88 -20.47 22.78
N LEU C 185 9.19 -21.49 23.57
CA LEU C 185 8.44 -22.75 23.57
C LEU C 185 7.48 -22.70 24.75
N TRP C 186 6.18 -22.72 24.46
CA TRP C 186 5.12 -22.62 25.45
C TRP C 186 4.41 -23.96 25.58
N ASP C 187 4.19 -24.37 26.83
CA ASP C 187 3.24 -25.43 27.14
C ASP C 187 1.89 -24.76 27.35
N ILE C 188 0.94 -25.04 26.44
CA ILE C 188 -0.32 -24.31 26.44
C ILE C 188 -1.11 -24.58 27.71
N GLU C 189 -1.10 -25.82 28.18
CA GLU C 189 -1.90 -26.18 29.35
C GLU C 189 -1.53 -25.34 30.57
N THR C 190 -0.23 -25.28 30.90
CA THR C 190 0.21 -24.46 32.01
C THR C 190 0.23 -22.98 31.68
N GLY C 191 0.37 -22.62 30.41
CA GLY C 191 0.31 -21.24 29.98
C GLY C 191 1.57 -20.43 30.20
N GLN C 192 2.62 -21.04 30.73
CA GLN C 192 3.86 -20.34 31.00
C GLN C 192 4.95 -20.77 30.03
N GLN C 193 5.88 -19.86 29.77
CA GLN C 193 6.93 -20.05 28.78
C GLN C 193 7.87 -21.16 29.27
N THR C 194 7.75 -22.34 28.64
CA THR C 194 8.57 -23.48 29.06
C THR C 194 10.04 -23.23 28.75
N THR C 195 10.36 -22.75 27.55
CA THR C 195 11.74 -22.56 27.15
C THR C 195 11.88 -21.22 26.42
N THR C 196 13.02 -20.56 26.63
CA THR C 196 13.34 -19.32 25.94
C THR C 196 14.58 -19.52 25.09
N PHE C 197 14.50 -19.13 23.82
CA PHE C 197 15.60 -19.23 22.86
C PHE C 197 16.10 -17.83 22.59
N THR C 198 17.34 -17.55 22.98
CA THR C 198 17.93 -16.23 22.89
C THR C 198 19.29 -16.31 22.21
N GLY C 199 19.68 -15.24 21.54
CA GLY C 199 20.91 -15.23 20.78
C GLY C 199 20.83 -14.40 19.51
N HIS C 200 19.62 -14.22 18.98
CA HIS C 200 19.43 -13.29 17.88
C HIS C 200 19.60 -11.86 18.35
N THR C 201 20.16 -11.03 17.48
CA THR C 201 20.38 -9.62 17.78
C THR C 201 19.43 -8.71 16.99
N GLY C 202 18.37 -9.28 16.41
CA GLY C 202 17.40 -8.51 15.66
C GLY C 202 16.05 -9.19 15.74
N ASP C 203 15.05 -8.52 15.18
CA ASP C 203 13.69 -9.05 15.22
C ASP C 203 13.63 -10.39 14.48
N VAL C 204 13.05 -11.39 15.14
CA VAL C 204 12.90 -12.71 14.55
C VAL C 204 11.59 -12.71 13.76
N MET C 205 11.69 -12.85 12.44
CA MET C 205 10.53 -12.66 11.59
C MET C 205 9.90 -13.95 11.09
N SER C 206 10.57 -15.08 11.23
CA SER C 206 10.03 -16.33 10.73
C SER C 206 10.74 -17.49 11.39
N LEU C 207 10.02 -18.60 11.55
CA LEU C 207 10.61 -19.85 11.97
C LEU C 207 9.86 -21.00 11.29
N SER C 208 10.56 -22.10 11.11
CA SER C 208 10.00 -23.31 10.51
C SER C 208 10.36 -24.52 11.34
N LEU C 209 9.39 -25.39 11.56
CA LEU C 209 9.61 -26.60 12.34
C LEU C 209 10.04 -27.74 11.43
N ALA C 210 10.98 -28.55 11.92
CA ALA C 210 11.41 -29.72 11.18
C ALA C 210 10.29 -30.75 11.15
N PRO C 211 10.29 -31.65 10.17
CA PRO C 211 9.25 -32.69 10.12
C PRO C 211 9.16 -33.54 11.38
N ASP C 212 10.29 -33.82 12.03
CA ASP C 212 10.27 -34.58 13.28
C ASP C 212 9.99 -33.70 14.49
N THR C 213 9.89 -32.38 14.30
CA THR C 213 9.62 -31.43 15.39
C THR C 213 10.65 -31.54 16.52
N ARG C 214 11.90 -31.79 16.15
CA ARG C 214 13.00 -31.82 17.09
C ARG C 214 13.92 -30.61 16.98
N LEU C 215 14.00 -29.99 15.81
CA LEU C 215 14.80 -28.80 15.60
C LEU C 215 13.97 -27.80 14.81
N PHE C 216 14.33 -26.53 14.92
CA PHE C 216 13.67 -25.51 14.12
C PHE C 216 14.64 -24.37 13.82
N VAL C 217 14.52 -23.81 12.62
CA VAL C 217 15.35 -22.70 12.19
C VAL C 217 14.53 -21.42 12.25
N SER C 218 15.10 -20.38 12.84
CA SER C 218 14.46 -19.07 12.95
C SER C 218 15.31 -18.05 12.21
N GLY C 219 14.67 -17.27 11.34
CA GLY C 219 15.33 -16.18 10.63
C GLY C 219 15.01 -14.85 11.31
N ALA C 220 16.03 -14.02 11.46
CA ALA C 220 15.91 -12.77 12.20
C ALA C 220 16.29 -11.60 11.31
N CYS C 221 16.16 -10.40 11.88
CA CYS C 221 16.47 -9.16 11.18
C CYS C 221 17.96 -8.82 11.22
N ASP C 222 18.78 -9.64 11.89
CA ASP C 222 20.22 -9.46 11.88
C ASP C 222 20.89 -10.19 10.72
N ALA C 223 20.13 -10.53 9.68
CA ALA C 223 20.64 -11.21 8.49
C ALA C 223 21.28 -12.56 8.84
N SER C 224 20.77 -13.21 9.88
CA SER C 224 21.30 -14.49 10.31
C SER C 224 20.16 -15.42 10.70
N ALA C 225 20.26 -16.68 10.29
CA ALA C 225 19.33 -17.71 10.70
C ALA C 225 19.98 -18.56 11.78
N LYS C 226 19.15 -19.20 12.60
CA LYS C 226 19.66 -20.00 13.70
C LYS C 226 18.90 -21.31 13.80
N LEU C 227 19.64 -22.41 13.88
CA LEU C 227 19.08 -23.74 14.08
C LEU C 227 19.08 -24.05 15.57
N TRP C 228 17.90 -24.32 16.11
CA TRP C 228 17.64 -24.46 17.54
C TRP C 228 17.15 -25.88 17.81
N ASP C 229 17.54 -26.41 18.97
CA ASP C 229 17.05 -27.70 19.43
C ASP C 229 16.03 -27.44 20.53
N VAL C 230 14.81 -27.96 20.35
CA VAL C 230 13.70 -27.60 21.23
C VAL C 230 13.90 -28.21 22.61
N ARG C 231 14.41 -29.43 22.70
CA ARG C 231 14.61 -30.05 24.02
C ARG C 231 15.72 -29.35 24.79
N GLU C 232 16.87 -29.13 24.15
CA GLU C 232 18.00 -28.52 24.85
C GLU C 232 17.75 -27.05 25.15
N GLY C 233 17.09 -26.34 24.23
CA GLY C 233 16.88 -24.92 24.38
C GLY C 233 18.08 -24.06 24.05
N MET C 234 19.11 -24.63 23.41
CA MET C 234 20.33 -23.92 23.08
C MET C 234 20.51 -23.87 21.57
N CYS C 235 21.17 -22.82 21.10
CA CYS C 235 21.37 -22.61 19.67
C CYS C 235 22.35 -23.64 19.14
N ARG C 236 21.86 -24.56 18.32
CA ARG C 236 22.72 -25.60 17.77
C ARG C 236 23.64 -25.03 16.68
N GLN C 237 23.09 -24.19 15.81
CA GLN C 237 23.89 -23.65 14.71
C GLN C 237 23.44 -22.23 14.37
N THR C 238 24.32 -21.52 13.67
CA THR C 238 24.04 -20.18 13.18
C THR C 238 24.56 -20.05 11.76
N PHE C 239 23.71 -19.56 10.86
CA PHE C 239 24.03 -19.39 9.46
C PHE C 239 23.97 -17.91 9.10
N THR C 240 25.05 -17.40 8.52
CA THR C 240 25.16 -15.98 8.15
C THR C 240 25.59 -15.92 6.69
N GLY C 241 24.63 -15.74 5.79
CA GLY C 241 24.94 -15.63 4.37
C GLY C 241 24.22 -14.50 3.68
N HIS C 242 23.26 -13.88 4.35
CA HIS C 242 22.43 -12.85 3.76
C HIS C 242 23.02 -11.47 4.01
N GLU C 243 22.37 -10.47 3.42
CA GLU C 243 22.81 -9.08 3.53
C GLU C 243 21.86 -8.19 4.32
N SER C 244 20.60 -8.54 4.39
CA SER C 244 19.63 -7.77 5.09
C SER C 244 18.63 -8.60 5.84
N ASP C 245 17.56 -8.01 6.35
CA ASP C 245 16.61 -8.70 7.21
C ASP C 245 16.05 -9.94 6.52
N ILE C 246 15.88 -11.01 7.30
CA ILE C 246 15.29 -12.25 6.82
C ILE C 246 13.81 -12.24 7.19
N ASN C 247 12.94 -12.35 6.19
CA ASN C 247 11.50 -12.33 6.42
C ASN C 247 10.84 -13.69 6.30
N ALA C 248 11.49 -14.67 5.69
CA ALA C 248 10.90 -15.97 5.45
C ALA C 248 11.94 -17.06 5.67
N ILE C 249 11.45 -18.24 6.04
CA ILE C 249 12.30 -19.41 6.23
C ILE C 249 11.41 -20.63 6.23
N CYS C 250 11.94 -21.74 5.73
CA CYS C 250 11.20 -23.00 5.67
C CYS C 250 12.17 -24.14 5.44
N PHE C 251 11.94 -25.25 6.13
CA PHE C 251 12.78 -26.42 5.96
C PHE C 251 12.57 -27.10 4.61
N PHE C 252 13.62 -27.73 4.11
CA PHE C 252 13.48 -28.67 3.02
C PHE C 252 12.72 -29.89 3.51
N PRO C 253 12.00 -30.58 2.63
CA PRO C 253 11.20 -31.73 3.07
C PRO C 253 11.99 -32.80 3.81
N ASN C 254 13.26 -33.02 3.45
CA ASN C 254 14.06 -34.00 4.18
C ASN C 254 14.46 -33.50 5.56
N GLY C 255 14.36 -32.19 5.81
CA GLY C 255 14.72 -31.62 7.10
C GLY C 255 16.20 -31.34 7.29
N ASN C 256 17.03 -31.62 6.28
CA ASN C 256 18.46 -31.37 6.38
C ASN C 256 18.87 -30.07 5.71
N ALA C 257 17.91 -29.28 5.24
CA ALA C 257 18.21 -28.02 4.57
C ALA C 257 17.04 -27.07 4.75
N PHE C 258 17.29 -25.79 4.50
CA PHE C 258 16.25 -24.78 4.62
C PHE C 258 16.58 -23.58 3.74
N ALA C 259 15.54 -22.98 3.18
CA ALA C 259 15.68 -21.81 2.33
C ALA C 259 15.10 -20.58 3.03
N THR C 260 15.83 -19.48 2.96
CA THR C 260 15.44 -18.22 3.61
C THR C 260 15.33 -17.13 2.56
N GLY C 261 14.38 -16.22 2.78
CA GLY C 261 14.20 -15.07 1.91
C GLY C 261 14.44 -13.78 2.68
N SER C 262 15.08 -12.82 2.02
CA SER C 262 15.52 -11.60 2.67
C SER C 262 15.14 -10.38 1.84
N ASP C 263 15.43 -9.19 2.38
CA ASP C 263 15.11 -7.93 1.74
C ASP C 263 16.05 -7.57 0.60
N ASP C 264 17.19 -8.24 0.48
CA ASP C 264 18.12 -7.98 -0.61
C ASP C 264 17.75 -8.74 -1.89
N ALA C 265 16.49 -9.15 -2.02
CA ALA C 265 15.96 -9.78 -3.23
C ALA C 265 16.67 -11.09 -3.55
N THR C 266 17.12 -11.81 -2.52
CA THR C 266 17.79 -13.08 -2.69
C THR C 266 17.17 -14.12 -1.78
N CYS C 267 17.00 -15.33 -2.30
CA CYS C 267 16.70 -16.49 -1.48
C CYS C 267 17.98 -17.31 -1.36
N ARG C 268 18.19 -17.94 -0.23
CA ARG C 268 19.42 -18.70 -0.01
C ARG C 268 19.12 -20.03 0.65
N LEU C 269 19.79 -21.07 0.16
CA LEU C 269 19.62 -22.43 0.67
C LEU C 269 20.82 -22.80 1.54
N PHE C 270 20.54 -23.24 2.76
CA PHE C 270 21.55 -23.70 3.70
C PHE C 270 21.31 -25.15 4.02
N ASP C 271 22.37 -25.90 4.27
CA ASP C 271 22.26 -27.29 4.70
C ASP C 271 22.81 -27.39 6.11
N LEU C 272 22.10 -28.16 6.96
CA LEU C 272 22.45 -28.22 8.37
C LEU C 272 23.80 -28.89 8.58
N ARG C 273 24.08 -29.98 7.87
CA ARG C 273 25.34 -30.67 8.03
C ARG C 273 26.49 -29.90 7.37
N ALA C 274 26.24 -29.34 6.19
CA ALA C 274 27.26 -28.52 5.54
C ALA C 274 27.52 -27.24 6.31
N ASP C 275 26.50 -26.73 7.00
CA ASP C 275 26.63 -25.54 7.86
C ASP C 275 27.11 -24.31 7.08
N GLN C 276 26.65 -24.19 5.84
CA GLN C 276 26.96 -23.00 5.04
C GLN C 276 25.96 -22.91 3.91
N GLU C 277 25.93 -21.73 3.28
CA GLU C 277 25.02 -21.48 2.16
C GLU C 277 25.40 -22.37 0.97
N LEU C 278 24.37 -22.91 0.31
CA LEU C 278 24.58 -23.79 -0.83
C LEU C 278 24.27 -23.14 -2.17
N MET C 279 23.21 -22.35 -2.26
CA MET C 279 22.81 -21.78 -3.53
C MET C 279 21.98 -20.54 -3.30
N THR C 280 22.14 -19.57 -4.20
CA THR C 280 21.44 -18.29 -4.14
C THR C 280 20.50 -18.18 -5.33
N TYR C 281 19.24 -17.85 -5.05
CA TYR C 281 18.21 -17.64 -6.06
C TYR C 281 17.96 -16.14 -6.13
N SER C 282 18.43 -15.52 -7.20
CA SER C 282 18.32 -14.08 -7.40
C SER C 282 18.41 -13.77 -8.88
N HIS C 283 17.94 -12.57 -9.24
CA HIS C 283 18.02 -12.09 -10.62
C HIS C 283 18.30 -10.59 -10.60
N ASP C 284 18.91 -10.11 -11.69
CA ASP C 284 19.21 -8.69 -11.80
C ASP C 284 17.93 -7.86 -11.87
N ASN C 285 16.91 -8.36 -12.57
CA ASN C 285 15.64 -7.65 -12.66
C ASN C 285 14.85 -7.65 -11.36
N ILE C 286 15.26 -8.44 -10.38
CA ILE C 286 14.56 -8.55 -9.11
C ILE C 286 15.30 -7.68 -8.08
N ILE C 287 14.61 -6.66 -7.58
CA ILE C 287 15.17 -5.82 -6.52
C ILE C 287 14.30 -5.81 -5.28
N CYS C 288 13.03 -6.20 -5.36
CA CYS C 288 12.16 -6.21 -4.19
C CYS C 288 12.50 -7.41 -3.29
N GLY C 289 12.23 -7.23 -2.00
CA GLY C 289 12.57 -8.24 -1.02
C GLY C 289 11.56 -9.36 -0.89
N ILE C 290 12.02 -10.49 -0.39
CA ILE C 290 11.17 -11.65 -0.19
C ILE C 290 10.25 -11.42 1.00
N THR C 291 9.06 -11.99 0.95
CA THR C 291 8.14 -11.95 2.07
C THR C 291 7.72 -13.33 2.57
N SER C 292 7.81 -14.37 1.73
CA SER C 292 7.40 -15.70 2.13
C SER C 292 7.99 -16.71 1.16
N VAL C 293 8.51 -17.81 1.70
CA VAL C 293 9.06 -18.89 0.89
C VAL C 293 8.40 -20.20 1.30
N SER C 294 8.43 -21.16 0.39
CA SER C 294 7.90 -22.49 0.64
C SER C 294 8.48 -23.45 -0.37
N PHE C 295 8.41 -24.74 -0.05
CA PHE C 295 8.89 -25.80 -0.93
C PHE C 295 7.72 -26.65 -1.39
N SER C 296 7.90 -27.30 -2.54
CA SER C 296 6.95 -28.29 -2.98
C SER C 296 7.13 -29.58 -2.16
N LYS C 297 6.24 -30.55 -2.40
CA LYS C 297 6.27 -31.77 -1.61
C LYS C 297 7.59 -32.52 -1.79
N SER C 298 8.10 -32.59 -3.01
CA SER C 298 9.39 -33.20 -3.26
C SER C 298 10.56 -32.25 -3.00
N GLY C 299 10.30 -30.96 -2.86
CA GLY C 299 11.34 -29.98 -2.65
C GLY C 299 12.05 -29.51 -3.89
N ARG C 300 11.67 -30.00 -5.08
CA ARG C 300 12.34 -29.57 -6.30
C ARG C 300 12.07 -28.09 -6.58
N LEU C 301 10.84 -27.64 -6.36
CA LEU C 301 10.47 -26.25 -6.61
C LEU C 301 10.47 -25.48 -5.31
N LEU C 302 11.06 -24.28 -5.33
CA LEU C 302 11.05 -23.36 -4.21
C LEU C 302 10.19 -22.18 -4.61
N LEU C 303 9.06 -21.99 -3.91
CA LEU C 303 8.15 -20.92 -4.21
C LEU C 303 8.40 -19.76 -3.24
N ALA C 304 8.55 -18.57 -3.79
CA ALA C 304 8.84 -17.37 -3.01
C ALA C 304 7.85 -16.27 -3.36
N GLY C 305 7.48 -15.48 -2.36
CA GLY C 305 6.63 -14.32 -2.55
C GLY C 305 7.45 -13.05 -2.51
N TYR C 306 7.10 -12.10 -3.37
CA TYR C 306 7.91 -10.90 -3.54
C TYR C 306 7.08 -9.66 -3.26
N ASP C 307 7.76 -8.52 -3.18
CA ASP C 307 7.10 -7.24 -2.99
C ASP C 307 6.53 -6.67 -4.28
N ASP C 308 6.95 -7.19 -5.43
CA ASP C 308 6.52 -6.68 -6.73
C ASP C 308 5.17 -7.24 -7.16
N PHE C 309 4.39 -7.76 -6.22
CA PHE C 309 3.01 -8.22 -6.36
C PHE C 309 2.94 -9.60 -7.00
N ASN C 310 4.06 -10.21 -7.38
CA ASN C 310 4.06 -11.49 -8.09
C ASN C 310 4.92 -12.49 -7.33
N CYS C 311 4.50 -13.75 -7.35
CA CYS C 311 5.29 -14.82 -6.77
C CYS C 311 6.20 -15.42 -7.84
N ASN C 312 7.34 -15.95 -7.39
CA ASN C 312 8.24 -16.66 -8.28
C ASN C 312 8.35 -18.12 -7.83
N VAL C 313 8.62 -18.99 -8.78
CA VAL C 313 8.79 -20.43 -8.54
C VAL C 313 10.14 -20.78 -9.14
N TRP C 314 11.15 -20.94 -8.29
CA TRP C 314 12.50 -21.28 -8.70
C TRP C 314 12.69 -22.79 -8.70
N ASP C 315 13.62 -23.25 -9.53
CA ASP C 315 14.10 -24.62 -9.46
C ASP C 315 15.15 -24.67 -8.37
N ALA C 316 14.82 -25.32 -7.25
CA ALA C 316 15.69 -25.30 -6.08
C ALA C 316 17.03 -25.97 -6.34
N LEU C 317 17.14 -26.75 -7.42
CA LEU C 317 18.37 -27.47 -7.71
C LEU C 317 19.28 -26.73 -8.69
N LYS C 318 18.72 -25.90 -9.57
CA LYS C 318 19.50 -25.26 -10.62
C LYS C 318 19.51 -23.74 -10.55
N ALA C 319 18.81 -23.13 -9.59
CA ALA C 319 18.79 -21.68 -9.40
C ALA C 319 18.28 -20.94 -10.64
N ASP C 320 17.41 -21.58 -11.41
CA ASP C 320 16.79 -20.95 -12.56
C ASP C 320 15.29 -20.83 -12.30
N ARG C 321 14.75 -19.64 -12.51
CA ARG C 321 13.32 -19.44 -12.34
C ARG C 321 12.53 -20.34 -13.28
N ALA C 322 11.54 -21.04 -12.73
CA ALA C 322 10.73 -21.96 -13.51
C ALA C 322 9.30 -21.49 -13.72
N GLY C 323 8.81 -20.56 -12.90
CA GLY C 323 7.46 -20.08 -13.10
C GLY C 323 7.22 -18.77 -12.38
N VAL C 324 6.12 -18.11 -12.77
CA VAL C 324 5.70 -16.86 -12.16
C VAL C 324 4.21 -16.96 -11.87
N LEU C 325 3.83 -16.61 -10.65
CA LEU C 325 2.44 -16.59 -10.21
C LEU C 325 2.04 -15.13 -10.05
N ALA C 326 1.54 -14.54 -11.13
CA ALA C 326 1.17 -13.14 -11.17
C ALA C 326 -0.35 -13.05 -11.17
N GLY C 327 -0.94 -12.94 -9.98
CA GLY C 327 -2.37 -12.83 -9.86
C GLY C 327 -2.83 -11.90 -8.77
N HIS C 328 -1.89 -11.20 -8.14
CA HIS C 328 -2.19 -10.31 -7.02
C HIS C 328 -1.88 -8.88 -7.41
N ASP C 329 -2.73 -7.96 -6.98
CA ASP C 329 -2.57 -6.54 -7.27
C ASP C 329 -1.78 -5.81 -6.19
N ASN C 330 -1.40 -6.48 -5.11
CA ASN C 330 -0.64 -5.86 -4.03
C ASN C 330 0.45 -6.82 -3.58
N ARG C 331 1.18 -6.42 -2.55
CA ARG C 331 2.31 -7.20 -2.06
C ARG C 331 1.87 -8.58 -1.62
N VAL C 332 2.57 -9.61 -2.12
CA VAL C 332 2.33 -10.97 -1.67
C VAL C 332 2.94 -11.14 -0.30
N SER C 333 2.11 -11.50 0.68
CA SER C 333 2.55 -11.54 2.07
C SER C 333 2.67 -12.94 2.66
N CYS C 334 1.93 -13.92 2.16
CA CYS C 334 2.01 -15.24 2.75
C CYS C 334 1.92 -16.31 1.67
N LEU C 335 2.69 -17.37 1.86
CA LEU C 335 2.72 -18.53 0.97
C LEU C 335 2.46 -19.78 1.77
N GLY C 336 1.82 -20.75 1.12
CA GLY C 336 1.59 -22.04 1.75
C GLY C 336 1.52 -23.17 0.76
N VAL C 337 2.00 -24.34 1.15
CA VAL C 337 1.97 -25.54 0.32
C VAL C 337 1.31 -26.65 1.13
N THR C 338 0.34 -27.33 0.51
CA THR C 338 -0.37 -28.40 1.19
C THR C 338 0.60 -29.55 1.50
N ASP C 339 0.36 -30.20 2.65
CA ASP C 339 1.15 -31.37 2.99
C ASP C 339 0.95 -32.49 1.97
N ASP C 340 -0.24 -32.60 1.41
CA ASP C 340 -0.48 -33.61 0.37
C ASP C 340 0.13 -33.19 -0.96
N GLY C 341 0.38 -31.89 -1.14
CA GLY C 341 1.02 -31.40 -2.34
C GLY C 341 0.09 -30.98 -3.46
N MET C 342 -1.22 -30.97 -3.22
CA MET C 342 -2.16 -30.63 -4.27
C MET C 342 -1.97 -29.20 -4.76
N ALA C 343 -1.91 -28.24 -3.84
CA ALA C 343 -2.06 -26.84 -4.20
C ALA C 343 -1.07 -25.97 -3.43
N VAL C 344 -0.94 -24.73 -3.91
CA VAL C 344 -0.15 -23.70 -3.27
C VAL C 344 -1.02 -22.46 -3.14
N ALA C 345 -1.12 -21.92 -1.93
CA ALA C 345 -1.95 -20.75 -1.69
C ALA C 345 -1.08 -19.52 -1.46
N THR C 346 -1.48 -18.41 -2.08
CA THR C 346 -0.81 -17.13 -1.93
C THR C 346 -1.81 -16.11 -1.40
N GLY C 347 -1.47 -15.46 -0.31
CA GLY C 347 -2.28 -14.40 0.26
C GLY C 347 -1.54 -13.08 0.18
N SER C 348 -2.24 -12.04 -0.26
CA SER C 348 -1.60 -10.77 -0.56
C SER C 348 -2.29 -9.64 0.20
N TRP C 349 -1.74 -8.43 0.04
CA TRP C 349 -2.26 -7.25 0.72
C TRP C 349 -3.47 -6.65 0.03
N ASP C 350 -3.87 -7.17 -1.12
CA ASP C 350 -5.11 -6.76 -1.77
C ASP C 350 -6.33 -7.42 -1.17
N SER C 351 -6.20 -7.97 0.04
CA SER C 351 -7.28 -8.67 0.75
C SER C 351 -7.76 -9.90 0.00
N PHE C 352 -6.87 -10.56 -0.74
CA PHE C 352 -7.22 -11.76 -1.48
C PHE C 352 -6.24 -12.89 -1.19
N LEU C 353 -6.80 -14.09 -1.04
CA LEU C 353 -6.05 -15.33 -0.93
C LEU C 353 -6.48 -16.25 -2.06
N LYS C 354 -5.51 -16.75 -2.82
CA LYS C 354 -5.76 -17.51 -4.02
C LYS C 354 -5.08 -18.86 -3.96
N ILE C 355 -5.66 -19.83 -4.66
CA ILE C 355 -5.17 -21.22 -4.70
C ILE C 355 -4.68 -21.51 -6.10
N TRP C 356 -3.54 -22.20 -6.19
CA TRP C 356 -2.90 -22.52 -7.45
C TRP C 356 -2.55 -24.00 -7.48
N ASN C 357 -2.46 -24.57 -8.69
CA ASN C 357 -1.94 -25.91 -8.86
C ASN C 357 -1.62 -26.20 -10.33
N GLN D 23 28.81 -12.66 6.12
CA GLN D 23 28.35 -11.84 7.23
C GLN D 23 28.55 -10.36 6.94
N VAL D 24 27.59 -9.54 7.37
CA VAL D 24 27.67 -8.10 7.18
C VAL D 24 28.60 -7.53 8.25
N GLN D 25 29.80 -7.11 7.83
CA GLN D 25 30.80 -6.59 8.74
C GLN D 25 31.19 -5.17 8.34
N LEU D 26 31.28 -4.29 9.33
CA LEU D 26 31.75 -2.93 9.14
C LEU D 26 32.85 -2.67 10.16
N GLN D 27 34.06 -2.42 9.67
CA GLN D 27 35.22 -2.18 10.52
C GLN D 27 35.66 -0.74 10.38
N GLU D 28 35.71 -0.02 11.50
CA GLU D 28 36.12 1.37 11.51
C GLU D 28 37.58 1.51 11.90
N SER D 29 38.30 2.37 11.20
CA SER D 29 39.70 2.64 11.48
C SER D 29 39.89 4.15 11.56
N GLY D 30 40.86 4.56 12.36
CA GLY D 30 41.09 5.97 12.62
C GLY D 30 40.69 6.34 14.03
N GLY D 31 40.64 7.65 14.26
CA GLY D 31 40.26 8.16 15.55
C GLY D 31 41.44 8.25 16.51
N GLY D 32 41.12 8.57 17.76
CA GLY D 32 42.14 8.75 18.77
C GLY D 32 42.01 10.07 19.49
N LEU D 33 43.09 10.52 20.12
CA LEU D 33 43.10 11.78 20.86
C LEU D 33 43.67 12.88 19.99
N VAL D 34 42.91 13.96 19.82
CA VAL D 34 43.29 15.09 18.99
C VAL D 34 42.99 16.38 19.74
N GLN D 35 43.89 17.36 19.62
CA GLN D 35 43.64 18.67 20.19
C GLN D 35 42.52 19.37 19.42
N PRO D 36 41.82 20.31 20.06
CA PRO D 36 40.75 21.02 19.36
C PRO D 36 41.27 21.74 18.12
N GLY D 37 40.44 21.75 17.08
CA GLY D 37 40.82 22.33 15.80
C GLY D 37 41.62 21.42 14.90
N GLY D 38 41.86 20.17 15.31
CA GLY D 38 42.66 19.25 14.53
C GLY D 38 41.88 18.63 13.39
N SER D 39 42.49 17.63 12.78
CA SER D 39 41.90 16.93 11.65
C SER D 39 42.03 15.42 11.85
N LEU D 40 41.03 14.68 11.36
CA LEU D 40 41.01 13.23 11.44
C LEU D 40 40.37 12.68 10.18
N ARG D 41 40.66 11.42 9.87
CA ARG D 41 40.01 10.71 8.78
C ARG D 41 39.56 9.36 9.30
N LEU D 42 38.25 9.13 9.31
CA LEU D 42 37.67 7.87 9.74
C LEU D 42 37.37 7.03 8.50
N SER D 43 38.00 5.87 8.41
CA SER D 43 37.79 4.96 7.29
C SER D 43 36.91 3.80 7.75
N CYS D 44 36.15 3.25 6.81
CA CYS D 44 35.17 2.22 7.13
C CYS D 44 35.24 1.15 6.04
N ALA D 45 35.78 -0.01 6.39
CA ALA D 45 35.83 -1.14 5.46
C ALA D 45 34.57 -1.98 5.65
N ALA D 46 33.87 -2.23 4.54
CA ALA D 46 32.59 -2.96 4.57
C ALA D 46 32.75 -4.26 3.81
N SER D 47 32.28 -5.35 4.41
CA SER D 47 32.36 -6.66 3.79
C SER D 47 31.02 -7.39 4.00
N GLY D 48 30.73 -8.30 3.08
CA GLY D 48 29.55 -9.13 3.18
C GLY D 48 28.32 -8.60 2.45
N PHE D 49 28.42 -7.48 1.75
CA PHE D 49 27.29 -6.95 1.02
C PHE D 49 27.79 -6.05 -0.10
N THR D 50 26.92 -5.78 -1.06
CA THR D 50 27.23 -4.86 -2.14
C THR D 50 27.18 -3.43 -1.61
N PHE D 51 28.35 -2.78 -1.56
CA PHE D 51 28.43 -1.46 -0.95
C PHE D 51 27.59 -0.43 -1.72
N SER D 52 27.58 -0.53 -3.05
CA SER D 52 26.97 0.50 -3.87
C SER D 52 25.44 0.51 -3.78
N ASN D 53 24.83 -0.53 -3.21
CA ASN D 53 23.38 -0.64 -3.19
C ASN D 53 22.75 -0.08 -1.93
N TYR D 54 23.53 0.40 -0.98
CA TYR D 54 23.03 0.82 0.32
C TYR D 54 23.43 2.25 0.63
N LYS D 55 22.50 3.02 1.19
CA LYS D 55 22.84 4.31 1.74
C LYS D 55 23.61 4.12 3.04
N MET D 56 24.69 4.88 3.21
CA MET D 56 25.55 4.73 4.38
C MET D 56 25.37 5.91 5.32
N ASN D 57 25.62 5.67 6.60
CA ASN D 57 25.50 6.68 7.63
C ASN D 57 26.70 6.62 8.56
N TRP D 58 27.06 7.79 9.08
CA TRP D 58 28.01 7.92 10.18
C TRP D 58 27.21 8.37 11.39
N VAL D 59 27.28 7.59 12.48
CA VAL D 59 26.47 7.82 13.67
C VAL D 59 27.41 7.81 14.88
N ARG D 60 27.33 8.85 15.70
CA ARG D 60 28.21 8.97 16.86
C ARG D 60 27.42 8.91 18.15
N GLN D 61 28.07 8.37 19.18
CA GLN D 61 27.51 8.29 20.53
C GLN D 61 28.48 8.99 21.47
N ALA D 62 28.06 10.15 22.00
CA ALA D 62 28.89 10.84 22.97
C ALA D 62 28.72 10.20 24.35
N PRO D 63 29.75 10.27 25.19
CA PRO D 63 29.63 9.70 26.54
C PRO D 63 28.51 10.37 27.32
N GLY D 64 27.76 9.55 28.06
CA GLY D 64 26.65 10.05 28.85
C GLY D 64 25.37 10.30 28.10
N LYS D 65 25.29 9.91 26.84
CA LYS D 65 24.08 10.14 26.05
C LYS D 65 23.99 9.07 24.96
N GLY D 66 22.81 8.98 24.36
CA GLY D 66 22.52 7.93 23.39
C GLY D 66 23.07 8.23 22.01
N LEU D 67 22.72 7.35 21.07
CA LEU D 67 23.21 7.44 19.70
C LEU D 67 22.65 8.69 19.03
N GLU D 68 23.49 9.30 18.19
CA GLU D 68 23.12 10.50 17.43
C GLU D 68 23.57 10.35 15.99
N TRP D 69 22.66 10.57 15.05
CA TRP D 69 22.99 10.50 13.64
C TRP D 69 23.79 11.72 13.24
N VAL D 70 24.94 11.49 12.61
CA VAL D 70 25.86 12.56 12.23
C VAL D 70 25.75 12.91 10.75
N SER D 71 25.97 11.93 9.87
CA SER D 71 25.98 12.21 8.44
C SER D 71 25.44 11.01 7.68
N ASP D 72 25.05 11.24 6.44
CA ASP D 72 24.68 10.13 5.57
C ASP D 72 24.98 10.48 4.13
N ILE D 73 25.15 9.44 3.33
CA ILE D 73 25.49 9.58 1.92
C ILE D 73 24.78 8.48 1.15
N SER D 74 24.22 8.85 -0.01
CA SER D 74 23.34 7.96 -0.76
C SER D 74 24.15 6.90 -1.49
N GLN D 75 23.49 6.16 -2.38
CA GLN D 75 24.14 5.02 -3.04
C GLN D 75 25.32 5.46 -3.88
N SER D 76 25.15 6.53 -4.66
CA SER D 76 26.17 6.99 -5.59
C SER D 76 26.95 8.20 -5.07
N GLY D 77 26.66 8.65 -3.85
CA GLY D 77 27.32 9.84 -3.33
C GLY D 77 26.71 11.14 -3.78
N ALA D 78 25.58 11.11 -4.48
CA ALA D 78 24.99 12.34 -5.00
C ALA D 78 24.33 13.15 -3.89
N SER D 79 23.62 12.49 -2.99
CA SER D 79 22.84 13.15 -1.95
C SER D 79 23.48 12.90 -0.59
N ILE D 80 24.34 13.82 -0.17
CA ILE D 80 24.92 13.79 1.17
C ILE D 80 24.11 14.73 2.06
N SER D 81 23.98 14.36 3.32
CA SER D 81 23.33 15.25 4.27
C SER D 81 24.00 15.13 5.63
N TYR D 82 23.96 16.23 6.39
CA TYR D 82 24.75 16.39 7.59
C TYR D 82 23.87 16.87 8.73
N THR D 83 24.27 16.55 9.95
CA THR D 83 23.67 17.18 11.12
C THR D 83 24.18 18.61 11.22
N GLY D 84 23.27 19.53 11.56
CA GLY D 84 23.63 20.93 11.62
C GLY D 84 24.75 21.24 12.60
N SER D 85 24.91 20.43 13.64
CA SER D 85 25.98 20.63 14.60
C SER D 85 27.35 20.48 13.93
N VAL D 86 27.50 19.48 13.06
CA VAL D 86 28.77 19.21 12.40
C VAL D 86 28.80 19.70 10.96
N LYS D 87 27.73 20.34 10.49
CA LYS D 87 27.69 20.80 9.11
C LYS D 87 28.69 21.94 8.90
N GLY D 88 29.38 21.90 7.77
CA GLY D 88 30.41 22.86 7.46
C GLY D 88 31.79 22.49 7.94
N ARG D 89 31.93 21.40 8.69
CA ARG D 89 33.22 20.94 9.18
C ARG D 89 33.54 19.51 8.75
N PHE D 90 32.56 18.61 8.76
CA PHE D 90 32.77 17.21 8.43
C PHE D 90 32.36 16.95 6.99
N THR D 91 33.07 16.02 6.35
CA THR D 91 32.81 15.62 4.98
C THR D 91 32.61 14.12 4.94
N ILE D 92 31.61 13.66 4.18
CA ILE D 92 31.32 12.24 4.04
C ILE D 92 31.55 11.86 2.57
N SER D 93 32.08 10.66 2.35
CA SER D 93 32.35 10.22 1.00
C SER D 93 32.37 8.69 0.94
N ARG D 94 32.22 8.17 -0.27
CA ARG D 94 32.29 6.74 -0.51
C ARG D 94 33.28 6.46 -1.63
N ASP D 95 33.83 5.24 -1.61
CA ASP D 95 34.62 4.72 -2.73
C ASP D 95 34.05 3.33 -3.00
N ASN D 96 33.03 3.26 -3.85
CA ASN D 96 32.37 1.98 -4.10
C ASN D 96 33.31 0.98 -4.74
N ALA D 97 34.34 1.46 -5.45
CA ALA D 97 35.34 0.54 -6.00
C ALA D 97 36.11 -0.15 -4.89
N LYS D 98 36.51 0.59 -3.86
CA LYS D 98 37.23 0.04 -2.73
C LYS D 98 36.31 -0.39 -1.59
N ASN D 99 35.00 -0.20 -1.74
CA ASN D 99 34.01 -0.63 -0.75
C ASN D 99 34.29 -0.01 0.62
N THR D 100 34.60 1.29 0.61
CA THR D 100 35.04 1.96 1.83
C THR D 100 34.28 3.28 1.98
N LEU D 101 34.02 3.66 3.23
CA LEU D 101 33.33 4.89 3.56
C LEU D 101 34.26 5.80 4.36
N TYR D 102 34.35 7.06 3.94
CA TYR D 102 35.26 8.03 4.54
C TYR D 102 34.49 9.14 5.25
N LEU D 103 34.98 9.53 6.42
CA LEU D 103 34.52 10.71 7.15
C LEU D 103 35.74 11.59 7.44
N GLN D 104 35.87 12.68 6.70
CA GLN D 104 36.91 13.68 6.93
C GLN D 104 36.42 14.63 8.01
N MET D 105 36.99 14.50 9.21
CA MET D 105 36.59 15.30 10.37
C MET D 105 37.54 16.49 10.48
N ASN D 106 37.01 17.69 10.29
CA ASN D 106 37.82 18.90 10.33
C ASN D 106 37.24 19.86 11.36
N SER D 107 38.10 20.74 11.87
CA SER D 107 37.71 21.75 12.86
C SER D 107 37.04 21.11 14.07
N LEU D 108 37.75 20.17 14.68
CA LEU D 108 37.19 19.42 15.80
C LEU D 108 36.94 20.32 17.00
N LYS D 109 35.98 19.91 17.82
CA LYS D 109 35.56 20.63 19.01
C LYS D 109 35.49 19.66 20.18
N PRO D 110 35.62 20.16 21.41
CA PRO D 110 35.46 19.27 22.58
C PRO D 110 34.10 18.59 22.64
N GLU D 111 33.08 19.19 22.02
CA GLU D 111 31.76 18.56 21.94
C GLU D 111 31.70 17.41 20.96
N ASP D 112 32.73 17.22 20.14
CA ASP D 112 32.73 16.18 19.11
C ASP D 112 33.36 14.88 19.57
N THR D 113 33.78 14.77 20.83
CA THR D 113 34.31 13.52 21.35
C THR D 113 33.17 12.50 21.48
N ALA D 114 33.36 11.33 20.87
CA ALA D 114 32.30 10.31 20.83
C ALA D 114 32.87 9.04 20.23
N VAL D 115 32.10 7.97 20.34
CA VAL D 115 32.38 6.73 19.63
C VAL D 115 31.64 6.78 18.30
N TYR D 116 32.38 6.58 17.21
CA TYR D 116 31.83 6.71 15.87
C TYR D 116 31.55 5.33 15.30
N TYR D 117 30.44 5.21 14.58
CA TYR D 117 29.94 3.96 14.03
C TYR D 117 29.54 4.18 12.57
N CYS D 118 29.70 3.14 11.77
CA CYS D 118 29.10 3.10 10.44
C CYS D 118 27.77 2.36 10.52
N ALA D 119 26.74 2.95 9.93
CA ALA D 119 25.42 2.35 9.94
C ALA D 119 24.96 2.20 8.49
N ARG D 120 24.81 0.95 8.06
CA ARG D 120 24.21 0.68 6.76
C ARG D 120 22.70 0.69 6.89
N CYS D 121 22.03 1.36 5.95
CA CYS D 121 20.58 1.37 5.97
C CYS D 121 20.06 -0.04 5.74
N PRO D 122 18.94 -0.41 6.38
CA PRO D 122 18.57 -1.84 6.44
C PRO D 122 18.37 -2.50 5.09
N ALA D 123 17.80 -1.82 4.12
CA ALA D 123 17.43 -2.46 2.86
C ALA D 123 18.03 -1.71 1.69
N PRO D 124 18.35 -2.41 0.60
CA PRO D 124 18.92 -1.74 -0.57
C PRO D 124 17.86 -0.99 -1.38
N PHE D 125 18.34 -0.01 -2.14
CA PHE D 125 17.51 0.77 -3.06
C PHE D 125 16.38 1.49 -2.33
N THR D 126 16.60 1.88 -1.08
CA THR D 126 15.62 2.59 -0.29
C THR D 126 16.17 3.95 0.14
N ARG D 127 15.28 4.92 0.26
CA ARG D 127 15.63 6.24 0.75
C ARG D 127 15.30 6.44 2.22
N ASP D 128 14.83 5.40 2.90
CA ASP D 128 14.52 5.45 4.31
C ASP D 128 15.50 4.60 5.11
N CYS D 129 15.77 5.02 6.35
CA CYS D 129 16.72 4.32 7.20
C CYS D 129 16.27 4.40 8.64
N PHE D 130 16.37 3.27 9.35
CA PHE D 130 16.12 3.21 10.79
C PHE D 130 17.35 2.54 11.41
N ASP D 131 18.40 3.33 11.70
CA ASP D 131 19.67 2.75 12.10
C ASP D 131 20.35 3.54 13.21
N VAL D 132 19.56 4.16 14.10
CA VAL D 132 20.13 4.89 15.23
C VAL D 132 19.66 4.20 16.50
N THR D 133 19.39 2.90 16.39
CA THR D 133 18.83 2.14 17.50
C THR D 133 19.73 2.24 18.72
N SER D 134 19.12 2.59 19.86
CA SER D 134 19.90 2.90 21.06
C SER D 134 20.62 1.68 21.59
N THR D 135 19.93 0.54 21.66
CA THR D 135 20.51 -0.64 22.28
C THR D 135 21.32 -1.47 21.28
N THR D 136 20.64 -2.01 20.26
CA THR D 136 21.27 -2.91 19.30
C THR D 136 20.72 -2.63 17.91
N TYR D 137 21.60 -2.30 16.98
CA TYR D 137 21.28 -2.24 15.56
C TYR D 137 22.06 -3.33 14.84
N ALA D 138 21.38 -4.03 13.93
CA ALA D 138 21.96 -5.23 13.33
C ALA D 138 23.19 -4.93 12.51
N TYR D 139 23.17 -3.85 11.74
CA TYR D 139 24.19 -3.59 10.73
C TYR D 139 25.00 -2.34 11.06
N ARG D 140 25.43 -2.22 12.30
CA ARG D 140 26.26 -1.11 12.74
C ARG D 140 27.63 -1.64 13.14
N GLY D 141 28.66 -0.82 12.91
CA GLY D 141 30.02 -1.26 13.17
C GLY D 141 30.37 -1.24 14.65
N GLN D 142 31.61 -1.64 14.93
CA GLN D 142 32.09 -1.67 16.31
C GLN D 142 32.35 -0.28 16.85
N GLY D 143 32.80 0.63 16.00
CA GLY D 143 33.01 2.00 16.40
C GLY D 143 34.44 2.27 16.84
N THR D 144 34.85 3.53 16.73
CA THR D 144 36.16 3.98 17.17
C THR D 144 36.01 5.23 18.02
N GLN D 145 36.81 5.33 19.06
CA GLN D 145 36.77 6.49 19.95
C GLN D 145 37.49 7.67 19.31
N VAL D 146 36.84 8.84 19.31
CA VAL D 146 37.43 10.09 18.86
C VAL D 146 37.30 11.09 20.00
N THR D 147 38.41 11.39 20.66
CA THR D 147 38.45 12.29 21.80
C THR D 147 39.13 13.59 21.38
N VAL D 148 38.51 14.71 21.72
CA VAL D 148 39.03 16.03 21.38
C VAL D 148 39.21 16.78 22.69
N SER D 149 40.43 16.84 23.19
CA SER D 149 40.74 17.53 24.43
C SER D 149 42.22 17.88 24.45
N SER D 150 42.57 18.82 25.31
CA SER D 150 43.96 19.25 25.46
C SER D 150 44.63 18.55 26.64
N SER E 8 28.84 -5.35 29.58
CA SER E 8 28.82 -6.00 28.27
C SER E 8 29.73 -7.23 28.25
N ILE E 9 30.35 -7.52 29.40
CA ILE E 9 31.25 -8.66 29.48
C ILE E 9 30.47 -9.98 29.36
N ALA E 10 29.25 -10.02 29.93
CA ALA E 10 28.45 -11.23 29.85
C ALA E 10 28.03 -11.53 28.42
N GLN E 11 27.69 -10.49 27.65
CA GLN E 11 27.32 -10.69 26.25
C GLN E 11 28.49 -11.26 25.45
N ALA E 12 29.70 -10.72 25.67
CA ALA E 12 30.87 -11.24 24.97
C ALA E 12 31.17 -12.67 25.37
N ARG E 13 31.05 -12.99 26.66
CA ARG E 13 31.28 -14.37 27.10
C ARG E 13 30.27 -15.32 26.47
N LYS E 14 29.00 -14.92 26.41
CA LYS E 14 27.98 -15.76 25.80
C LYS E 14 28.24 -15.94 24.30
N LEU E 15 28.65 -14.87 23.63
CA LEU E 15 28.98 -14.98 22.21
C LEU E 15 30.15 -15.92 21.97
N VAL E 16 31.18 -15.84 22.81
CA VAL E 16 32.33 -16.72 22.68
C VAL E 16 31.91 -18.17 22.93
N GLU E 17 31.08 -18.40 23.95
CA GLU E 17 30.62 -19.76 24.22
C GLU E 17 29.81 -20.31 23.05
N GLN E 18 28.92 -19.48 22.47
CA GLN E 18 28.13 -19.93 21.33
C GLN E 18 29.01 -20.22 20.13
N LEU E 19 30.02 -19.38 19.89
CA LEU E 19 30.94 -19.65 18.79
C LEU E 19 31.70 -20.96 19.00
N LYS E 20 32.14 -21.22 20.24
CA LYS E 20 32.80 -22.48 20.53
C LYS E 20 31.88 -23.66 20.28
N MET E 21 30.62 -23.55 20.71
CA MET E 21 29.65 -24.63 20.48
C MET E 21 29.43 -24.87 19.00
N GLU E 22 29.29 -23.79 18.21
CA GLU E 22 29.06 -23.95 16.78
C GLU E 22 30.30 -24.47 16.07
N ALA E 23 31.49 -24.19 16.60
CA ALA E 23 32.72 -24.70 16.00
C ALA E 23 32.96 -26.17 16.33
N ASN E 24 32.57 -26.60 17.53
CA ASN E 24 32.86 -27.96 17.98
C ASN E 24 32.12 -29.03 17.19
N ILE E 25 31.11 -28.67 16.39
CA ILE E 25 30.32 -29.65 15.65
C ILE E 25 31.16 -30.21 14.51
N ASP E 26 30.71 -31.32 13.94
CA ASP E 26 31.39 -31.97 12.81
C ASP E 26 30.59 -31.74 11.54
N ARG E 27 31.26 -31.27 10.50
CA ARG E 27 30.63 -30.96 9.22
C ARG E 27 30.97 -32.04 8.20
N ILE E 28 30.18 -32.06 7.12
CA ILE E 28 30.38 -32.99 6.02
C ILE E 28 30.63 -32.19 4.75
N LYS E 29 31.09 -32.89 3.72
CA LYS E 29 31.41 -32.23 2.46
C LYS E 29 30.14 -31.72 1.77
N VAL E 30 30.29 -30.58 1.09
CA VAL E 30 29.16 -30.02 0.34
C VAL E 30 28.76 -30.96 -0.80
N SER E 31 29.69 -31.76 -1.31
CA SER E 31 29.33 -32.75 -2.33
C SER E 31 28.33 -33.76 -1.78
N LYS E 32 28.54 -34.22 -0.55
CA LYS E 32 27.60 -35.15 0.06
C LYS E 32 26.23 -34.52 0.28
N ALA E 33 26.21 -33.25 0.70
CA ALA E 33 24.94 -32.55 0.90
C ALA E 33 24.20 -32.40 -0.43
N ALA E 34 24.93 -32.03 -1.49
CA ALA E 34 24.31 -31.92 -2.81
C ALA E 34 23.78 -33.26 -3.28
N ALA E 35 24.54 -34.34 -3.04
CA ALA E 35 24.08 -35.67 -3.43
C ALA E 35 22.82 -36.05 -2.68
N ASP E 36 22.75 -35.74 -1.38
CA ASP E 36 21.57 -36.05 -0.60
C ASP E 36 20.35 -35.26 -1.09
N LEU E 37 20.54 -33.97 -1.40
CA LEU E 37 19.43 -33.18 -1.93
C LEU E 37 18.96 -33.71 -3.28
N MET E 38 19.89 -34.08 -4.15
CA MET E 38 19.52 -34.68 -5.43
C MET E 38 18.77 -35.99 -5.24
N ALA E 39 19.25 -36.83 -4.31
CA ALA E 39 18.60 -38.11 -4.07
C ALA E 39 17.18 -37.91 -3.56
N TYR E 40 16.99 -36.97 -2.63
CA TYR E 40 15.64 -36.72 -2.14
C TYR E 40 14.73 -36.16 -3.24
N CYS E 41 15.26 -35.25 -4.07
CA CYS E 41 14.45 -34.67 -5.12
C CYS E 41 14.04 -35.71 -6.15
N GLU E 42 14.96 -36.61 -6.52
CA GLU E 42 14.64 -37.61 -7.53
C GLU E 42 13.77 -38.74 -6.98
N ALA E 43 13.95 -39.10 -5.70
CA ALA E 43 13.16 -40.19 -5.13
C ALA E 43 11.69 -39.83 -5.03
N HIS E 44 11.38 -38.60 -4.64
CA HIS E 44 10.01 -38.16 -4.43
C HIS E 44 9.47 -37.32 -5.57
N ALA E 45 10.14 -37.30 -6.71
CA ALA E 45 9.68 -36.50 -7.84
C ALA E 45 8.33 -36.99 -8.36
N LYS E 46 8.04 -38.28 -8.20
CA LYS E 46 6.77 -38.82 -8.69
C LYS E 46 5.59 -38.27 -7.91
N GLU E 47 5.74 -38.11 -6.59
CA GLU E 47 4.65 -37.70 -5.72
C GLU E 47 4.56 -36.18 -5.54
N ASP E 48 5.04 -35.41 -6.52
CA ASP E 48 5.00 -33.95 -6.43
C ASP E 48 4.05 -33.39 -7.47
N PRO E 49 2.80 -33.10 -7.12
CA PRO E 49 1.87 -32.53 -8.12
C PRO E 49 2.32 -31.21 -8.69
N LEU E 50 3.02 -30.39 -7.90
CA LEU E 50 3.57 -29.14 -8.42
C LEU E 50 4.61 -29.42 -9.48
N LEU E 51 5.51 -30.38 -9.21
CA LEU E 51 6.57 -30.70 -10.15
C LEU E 51 6.01 -31.32 -11.43
N THR E 52 5.16 -32.34 -11.29
CA THR E 52 4.52 -32.99 -12.42
C THR E 52 3.02 -32.74 -12.35
N PRO E 53 2.45 -31.92 -13.23
CA PRO E 53 1.01 -31.63 -13.15
C PRO E 53 0.18 -32.90 -13.28
N VAL E 54 -0.54 -33.22 -12.22
CA VAL E 54 -1.41 -34.40 -12.18
C VAL E 54 -2.59 -34.13 -13.11
N PRO E 55 -3.18 -35.16 -13.73
CA PRO E 55 -4.36 -34.94 -14.57
C PRO E 55 -5.49 -34.28 -13.78
N ALA E 56 -6.25 -33.44 -14.50
CA ALA E 56 -7.27 -32.61 -13.87
C ALA E 56 -8.34 -33.42 -13.16
N SER E 57 -8.52 -34.70 -13.54
CA SER E 57 -9.49 -35.54 -12.84
C SER E 57 -9.09 -35.82 -11.41
N GLU E 58 -7.79 -35.77 -11.09
CA GLU E 58 -7.31 -35.98 -9.73
C GLU E 58 -7.12 -34.69 -8.95
N ASN E 59 -7.36 -33.53 -9.58
CA ASN E 59 -7.27 -32.25 -8.89
C ASN E 59 -8.61 -31.95 -8.23
N PRO E 60 -8.68 -31.89 -6.89
CA PRO E 60 -9.94 -31.50 -6.24
C PRO E 60 -10.36 -30.08 -6.55
N PHE E 61 -9.43 -29.23 -7.01
CA PHE E 61 -9.77 -27.84 -7.29
C PHE E 61 -10.31 -27.67 -8.69
N ARG E 62 -9.75 -28.37 -9.67
CA ARG E 62 -10.26 -28.28 -11.04
C ARG E 62 -11.58 -29.03 -11.20
C1 CLR F . -24.37 -2.02 -18.49
C2 CLR F . -23.29 -1.82 -17.43
C3 CLR F . -21.92 -1.84 -18.07
C4 CLR F . -21.83 -0.62 -18.96
C5 CLR F . -22.94 -0.75 -19.96
C6 CLR F . -22.58 -0.78 -21.24
C7 CLR F . -23.58 -0.97 -22.32
C8 CLR F . -24.90 -0.41 -21.86
C9 CLR F . -25.37 -1.04 -20.57
C10 CLR F . -24.36 -0.85 -19.46
C11 CLR F . -26.74 -0.46 -20.20
C12 CLR F . -27.77 -0.60 -21.32
C13 CLR F . -27.19 0.00 -22.58
C14 CLR F . -25.92 -0.70 -22.90
C15 CLR F . -25.54 -0.21 -24.28
C16 CLR F . -26.88 -0.07 -24.98
C17 CLR F . -27.94 -0.12 -23.88
C18 CLR F . -26.85 1.45 -22.37
C19 CLR F . -24.71 0.37 -18.64
C20 CLR F . -28.94 0.97 -24.18
C21 CLR F . -30.30 0.61 -23.62
C22 CLR F . -28.93 1.17 -25.68
C23 CLR F . -30.11 1.98 -26.18
C24 CLR F . -30.00 2.11 -27.70
C25 CLR F . -31.07 3.04 -28.25
C26 CLR F . -31.11 2.94 -29.78
C27 CLR F . -32.43 2.73 -27.65
O1 CLR F . -20.89 -1.75 -17.09
OT2 LPS G . -33.51 16.19 -35.98
C LPS G . -32.90 16.94 -36.76
OT1 LPS G . -31.85 16.56 -37.34
C12 LPS G . -33.38 18.31 -37.05
N LPS G . -32.63 18.72 -38.20
C11 LPS G . -34.84 18.27 -37.38
O12 LPS G . -35.25 19.59 -37.34
P LPS G . -36.61 19.85 -36.49
O13 LPS G . -37.73 19.18 -37.23
O14 LPS G . -36.87 21.32 -36.35
O11 LPS G . -36.49 19.19 -35.01
C1 LPS G . -37.64 18.55 -34.55
C2 LPS G . -37.82 18.97 -33.09
O21 LPS G . -36.59 19.35 -32.59
C3 LPS G . -38.36 17.76 -32.33
O31 LPS G . -39.49 17.33 -33.01
C31 LPS G . -40.67 17.66 -32.36
O32 LPS G . -41.15 18.73 -32.52
C32 LPS G . -41.33 16.66 -31.42
C33 LPS G . -42.01 17.38 -30.26
C34 LPS G . -41.87 16.65 -28.94
C35 LPS G . -42.63 17.35 -27.82
C36 LPS G . -42.17 16.90 -26.45
C37 LPS G . -41.15 15.77 -26.54
C38 LPS G . -40.31 15.66 -25.27
C39 LPS G . -39.84 14.24 -25.03
C40 LPS G . -38.59 14.18 -24.18
C41 LPS G . -38.78 15.02 -22.94
C42 LPS G . -37.76 14.67 -21.89
C43 LPS G . -37.54 13.17 -21.76
C44 LPS G . -37.22 12.83 -20.32
C45 LPS G . -36.84 11.37 -20.17
C1 CLR H . -30.85 8.64 -6.62
C2 CLR H . -30.13 7.89 -5.50
C3 CLR H . -28.94 7.13 -6.06
C4 CLR H . -27.94 8.19 -6.50
C5 CLR H . -28.57 9.01 -7.57
C6 CLR H . -27.85 9.23 -8.68
C7 CLR H . -28.51 9.47 -10.00
C8 CLR H . -29.66 10.42 -9.78
C9 CLR H . -30.62 9.86 -8.76
C10 CLR H . -29.96 9.59 -7.40
C11 CLR H . -31.81 10.79 -8.62
C12 CLR H . -32.50 11.06 -9.95
C13 CLR H . -31.49 11.64 -10.91
C14 CLR H . -30.40 10.63 -11.07
C15 CLR H . -29.60 11.18 -12.21
C16 CLR H . -30.66 11.71 -13.15
C17 CLR H . -31.92 11.91 -12.34
C18 CLR H . -30.85 12.87 -10.30
C19 CLR H . -29.86 10.88 -6.62
C20 CLR H . -32.52 13.29 -12.64
C21 CLR H . -34.04 13.29 -12.52
C22 CLR H . -32.12 13.75 -14.02
C23 CLR H . -33.08 13.31 -15.12
C24 CLR H . -32.45 13.49 -16.49
C25 CLR H . -33.46 13.80 -17.58
C26 CLR H . -32.81 13.86 -18.94
C27 CLR H . -34.58 12.76 -17.62
O1 CLR H . -28.35 6.29 -5.07
#